data_7YD2
#
_entry.id   7YD2
#
_cell.length_a   51.310
_cell.length_b   140.260
_cell.length_c   58.190
_cell.angle_alpha   90.000
_cell.angle_beta   101.710
_cell.angle_gamma   90.000
#
_symmetry.space_group_name_H-M   'P 1 21 1'
#
loop_
_entity.id
_entity.type
_entity.pdbx_description
1 polymer 'Alpha/beta fold hydrolase'
2 non-polymer GLYCEROL
3 non-polymer '2-[(4-chloranyl-6-methoxy-pyrimidin-2-yl)carbamoylsulfamoyl]benzoic acid'
4 non-polymer 'SULFATE ION'
5 non-polymer '2-[[[[(4-CHLORO-6-METHOXY-2-PYRIMIDINYL)AMINO]CARBONYL]AMINO]SULFONYL]BENZOIC ACID ETHYL ESTER'
6 non-polymer 'CALCIUM ION'
7 water water
#
_entity_poly.entity_id   1
_entity_poly.type   'polypeptide(L)'
_entity_poly.pdbx_seq_one_letter_code
;METDNVELAQSKRKVVLAEQGSFYIGGRTVTGPGKFDPSKPVIRYSNEGATFYINQMYVNFQAPVRPRGLPLVFWHGGGL
TGHIWESTPDGRPGFQTLFVQDRHTVYTIDQPGRGRGNIPTFNGPFGQLEEESIVNTVTGNSSKEGAWVRDRLGPAPGQF
FENSQFPRGYEDNYFKEMGFSPSISSDEIVDAVVKLVTHIGPCVLVTHAASGVLGMRVATHAKNVRGIVAYEPATSIFPK
GKVPEIPPLADKKSQIFPPFEIQESYFKKLAKIPIQFVFGDNIPKNPKSAYWFLDWWRVTRYAHSLSLEAINKLGGQASL
LDLPTAGLRGNTHFPFTDRNNVQVASLLSDFLGKHGLDQNESLEHHHHHH
;
_entity_poly.pdbx_strand_id   A,B
#
# COMPACT_ATOMS: atom_id res chain seq x y z
N LYS A 12 8.18 13.32 -20.43
CA LYS A 12 9.36 12.46 -20.51
C LYS A 12 9.28 11.36 -19.44
N ARG A 13 8.92 10.15 -19.87
CA ARG A 13 8.55 9.14 -18.90
C ARG A 13 9.64 8.10 -18.63
N LYS A 14 10.71 8.05 -19.44
CA LYS A 14 11.70 7.00 -19.31
C LYS A 14 12.56 7.17 -18.06
N VAL A 15 12.94 6.04 -17.48
CA VAL A 15 13.62 5.99 -16.19
C VAL A 15 14.58 4.81 -16.19
N VAL A 16 15.84 5.05 -15.85
CA VAL A 16 16.87 4.01 -15.79
C VAL A 16 17.27 3.81 -14.34
N LEU A 17 17.00 2.61 -13.81
CA LEU A 17 17.23 2.32 -12.39
C LEU A 17 18.43 1.38 -12.25
N ALA A 18 19.41 1.80 -11.44
CA ALA A 18 20.46 0.88 -11.03
C ALA A 18 19.90 -0.24 -10.18
N GLU A 19 18.86 0.06 -9.41
CA GLU A 19 18.19 -0.93 -8.58
C GLU A 19 16.86 -0.34 -8.10
N GLN A 20 15.93 -1.23 -7.76
CA GLN A 20 14.71 -0.82 -7.11
C GLN A 20 14.28 -1.93 -6.17
N GLY A 21 13.46 -1.57 -5.19
CA GLY A 21 12.90 -2.60 -4.34
C GLY A 21 12.09 -2.00 -3.22
N SER A 22 11.70 -2.86 -2.29
CA SER A 22 10.95 -2.40 -1.13
C SER A 22 11.24 -3.31 0.05
N PHE A 23 10.93 -2.80 1.24
CA PHE A 23 11.21 -3.55 2.45
C PHE A 23 10.36 -2.98 3.59
N TYR A 24 10.27 -3.76 4.65
CA TYR A 24 9.61 -3.36 5.89
C TYR A 24 10.64 -3.02 6.95
N ILE A 25 10.33 -2.01 7.76
CA ILE A 25 11.23 -1.57 8.83
C ILE A 25 10.40 -1.01 9.98
N GLY A 26 10.97 -1.11 11.19
CA GLY A 26 10.31 -0.62 12.37
C GLY A 26 9.21 -1.56 12.87
N GLY A 27 8.50 -1.10 13.88
CA GLY A 27 7.43 -1.87 14.47
C GLY A 27 7.89 -2.64 15.71
N ARG A 28 6.92 -3.36 16.28
CA ARG A 28 7.15 -4.19 17.45
C ARG A 28 6.27 -5.44 17.33
N THR A 29 6.20 -6.19 18.42
CA THR A 29 5.34 -7.39 18.46
C THR A 29 4.43 -7.35 19.68
N VAL A 30 3.26 -7.96 19.54
CA VAL A 30 2.36 -8.13 20.71
C VAL A 30 1.96 -9.60 20.67
N THR A 31 1.60 -10.12 21.83
CA THR A 31 1.35 -11.57 21.87
C THR A 31 0.02 -11.89 22.51
N GLY A 32 -0.60 -12.90 21.95
CA GLY A 32 -1.85 -13.35 22.51
C GLY A 32 -1.62 -14.35 23.64
N PRO A 33 -2.67 -14.84 24.34
CA PRO A 33 -2.48 -15.76 25.46
C PRO A 33 -2.24 -17.18 25.00
N GLY A 34 -1.56 -17.98 25.83
CA GLY A 34 -1.45 -19.42 25.54
C GLY A 34 -0.37 -19.86 24.61
N LYS A 35 -0.48 -21.10 24.14
CA LYS A 35 0.58 -21.69 23.28
C LYS A 35 0.00 -22.21 21.95
N PHE A 36 0.84 -22.21 20.92
CA PHE A 36 0.40 -22.68 19.59
C PHE A 36 0.64 -24.18 19.47
N ASP A 37 -0.37 -24.88 18.99
CA ASP A 37 -0.27 -26.33 18.76
C ASP A 37 -0.49 -26.61 17.29
N PRO A 38 0.53 -27.07 16.55
CA PRO A 38 0.37 -27.27 15.10
C PRO A 38 -0.56 -28.42 14.71
N SER A 39 -1.03 -29.23 15.66
CA SER A 39 -1.94 -30.36 15.33
C SER A 39 -3.38 -29.86 15.29
N LYS A 40 -3.65 -28.72 15.88
CA LYS A 40 -5.03 -28.24 15.98
C LYS A 40 -5.36 -27.41 14.74
N PRO A 41 -6.64 -27.25 14.37
CA PRO A 41 -6.98 -26.39 13.25
C PRO A 41 -6.37 -24.99 13.38
N VAL A 42 -5.62 -24.56 12.36
CA VAL A 42 -4.89 -23.26 12.44
C VAL A 42 -5.81 -22.09 12.09
N ILE A 43 -6.75 -22.32 11.17
CA ILE A 43 -7.69 -21.23 10.76
C ILE A 43 -8.86 -21.18 11.75
N ARG A 44 -8.77 -20.29 12.74
CA ARG A 44 -9.81 -20.20 13.79
C ARG A 44 -9.84 -18.81 14.41
N TYR A 45 -10.95 -18.47 15.06
CA TYR A 45 -11.13 -17.15 15.73
C TYR A 45 -10.45 -17.22 17.08
N SER A 46 -9.13 -17.00 17.08
CA SER A 46 -8.38 -17.13 18.33
C SER A 46 -7.07 -16.35 18.23
N ASN A 47 -6.62 -15.82 19.34
CA ASN A 47 -5.29 -15.16 19.40
C ASN A 47 -4.41 -16.11 20.21
N GLU A 48 -4.83 -17.36 20.34
CA GLU A 48 -4.10 -18.34 21.19
C GLU A 48 -2.71 -18.62 20.64
N GLY A 49 -1.71 -18.39 21.48
CA GLY A 49 -0.34 -18.62 21.10
C GLY A 49 0.18 -17.72 19.99
N ALA A 50 -0.47 -16.60 19.73
CA ALA A 50 -0.22 -15.80 18.55
C ALA A 50 0.81 -14.70 18.82
N THR A 51 1.78 -14.56 17.92
CA THR A 51 2.67 -13.40 17.88
C THR A 51 2.26 -12.55 16.68
N PHE A 52 2.06 -11.25 16.91
CA PHE A 52 1.65 -10.34 15.84
C PHE A 52 2.69 -9.25 15.69
N TYR A 53 3.14 -9.02 14.45
CA TYR A 53 4.00 -7.88 14.15
C TYR A 53 3.11 -6.68 13.89
N ILE A 54 3.31 -5.58 14.64
CA ILE A 54 2.45 -4.42 14.50
C ILE A 54 3.28 -3.14 14.31
N ASN A 55 2.65 -2.16 13.64
CA ASN A 55 3.15 -0.80 13.49
C ASN A 55 4.42 -0.69 12.66
N GLN A 56 4.70 -1.69 11.84
CA GLN A 56 5.81 -1.63 10.89
C GLN A 56 5.44 -0.73 9.71
N MET A 57 6.48 -0.21 9.03
CA MET A 57 6.35 0.71 7.92
C MET A 57 6.83 0.07 6.62
N TYR A 58 6.16 0.38 5.51
CA TYR A 58 6.59 -0.03 4.18
C TYR A 58 7.44 1.05 3.54
N VAL A 59 8.53 0.63 2.89
CA VAL A 59 9.47 1.54 2.24
C VAL A 59 9.76 1.04 0.84
N ASN A 60 9.67 1.94 -0.15
CA ASN A 60 10.04 1.67 -1.54
C ASN A 60 11.25 2.53 -1.91
N PHE A 61 12.15 2.00 -2.74
CA PHE A 61 13.27 2.82 -3.20
C PHE A 61 13.55 2.58 -4.68
N GLN A 62 14.02 3.63 -5.34
CA GLN A 62 14.46 3.56 -6.72
C GLN A 62 15.75 4.37 -6.82
N ALA A 63 16.82 3.74 -7.29
CA ALA A 63 18.11 4.40 -7.34
C ALA A 63 18.52 4.59 -8.79
N PRO A 64 18.97 5.78 -9.16
CA PRO A 64 19.45 6.00 -10.53
C PRO A 64 20.86 5.44 -10.69
N VAL A 65 21.30 5.37 -11.93
CA VAL A 65 22.72 5.14 -12.17
C VAL A 65 23.46 6.43 -11.89
N ARG A 66 24.58 6.34 -11.16
CA ARG A 66 25.40 7.50 -10.83
C ARG A 66 24.61 8.54 -10.05
N PRO A 67 24.12 8.21 -8.85
CA PRO A 67 23.37 9.22 -8.07
C PRO A 67 24.24 10.42 -7.72
N ARG A 68 23.60 11.57 -7.59
CA ARG A 68 24.27 12.81 -7.22
C ARG A 68 23.56 13.41 -6.03
N GLY A 69 24.29 13.64 -4.95
CA GLY A 69 23.70 14.27 -3.78
C GLY A 69 23.03 13.25 -2.88
N LEU A 70 22.18 13.76 -1.98
CA LEU A 70 21.60 12.91 -0.96
C LEU A 70 20.32 12.25 -1.42
N PRO A 71 19.99 11.10 -0.86
CA PRO A 71 18.69 10.49 -1.15
C PRO A 71 17.56 11.32 -0.57
N LEU A 72 16.42 11.27 -1.27
CA LEU A 72 15.22 11.99 -0.85
C LEU A 72 14.23 10.98 -0.29
N VAL A 73 13.63 11.31 0.84
CA VAL A 73 12.60 10.49 1.46
C VAL A 73 11.29 11.25 1.37
N PHE A 74 10.36 10.77 0.54
CA PHE A 74 9.06 11.42 0.33
C PHE A 74 8.04 10.81 1.27
N TRP A 75 7.37 11.65 2.05
CA TRP A 75 6.51 11.23 3.15
C TRP A 75 5.12 11.83 2.94
N HIS A 76 4.15 10.96 2.64
CA HIS A 76 2.79 11.36 2.31
C HIS A 76 2.09 12.09 3.46
N GLY A 77 1.08 12.89 3.09
CA GLY A 77 0.24 13.56 4.07
C GLY A 77 -0.83 12.64 4.66
N GLY A 78 -1.75 13.27 5.38
CA GLY A 78 -2.71 12.50 6.17
C GLY A 78 -3.66 11.71 5.29
N GLY A 79 -3.84 10.44 5.64
CA GLY A 79 -4.77 9.58 4.92
C GLY A 79 -4.30 9.16 3.54
N LEU A 80 -3.02 9.31 3.24
CA LEU A 80 -2.51 9.06 1.91
C LEU A 80 -1.48 7.92 1.95
N THR A 81 -0.85 7.69 0.80
CA THR A 81 0.18 6.66 0.65
C THR A 81 1.25 7.19 -0.30
N GLY A 82 2.29 6.38 -0.51
CA GLY A 82 3.31 6.74 -1.47
C GLY A 82 2.82 6.87 -2.91
N HIS A 83 1.58 6.44 -3.20
CA HIS A 83 1.01 6.65 -4.54
C HIS A 83 1.13 8.10 -4.98
N ILE A 84 0.98 9.07 -4.06
CA ILE A 84 0.91 10.46 -4.46
C ILE A 84 2.23 10.97 -5.02
N TRP A 85 3.33 10.28 -4.74
CA TRP A 85 4.62 10.60 -5.34
C TRP A 85 4.91 9.82 -6.62
N GLU A 86 4.10 8.80 -6.93
CA GLU A 86 4.33 7.94 -8.09
C GLU A 86 3.73 8.55 -9.36
N SER A 87 2.48 8.97 -9.27
CA SER A 87 1.71 9.49 -10.39
C SER A 87 0.72 10.54 -9.89
N THR A 88 0.31 11.40 -10.80
CA THR A 88 -0.79 12.34 -10.55
C THR A 88 -2.11 11.63 -10.84
N PRO A 89 -3.25 12.20 -10.44
CA PRO A 89 -4.52 11.49 -10.67
C PRO A 89 -4.84 11.28 -12.14
N ASP A 90 -4.36 12.16 -13.01
CA ASP A 90 -4.53 12.04 -14.45
C ASP A 90 -3.37 11.32 -15.12
N GLY A 91 -2.50 10.68 -14.33
CA GLY A 91 -1.52 9.76 -14.86
C GLY A 91 -0.20 10.35 -15.30
N ARG A 92 0.09 11.59 -14.95
CA ARG A 92 1.38 12.16 -15.27
C ARG A 92 2.43 11.73 -14.24
N PRO A 93 3.71 11.80 -14.60
CA PRO A 93 4.76 11.35 -13.67
C PRO A 93 4.73 12.14 -12.37
N GLY A 94 4.89 11.40 -11.25
CA GLY A 94 5.03 12.01 -9.94
C GLY A 94 6.49 12.35 -9.62
N PHE A 95 6.68 12.90 -8.42
CA PHE A 95 8.01 13.32 -7.98
C PHE A 95 9.00 12.16 -7.92
N GLN A 96 8.52 10.93 -7.72
CA GLN A 96 9.43 9.79 -7.70
C GLN A 96 10.19 9.69 -9.01
N THR A 97 9.46 9.67 -10.13
CA THR A 97 10.08 9.64 -11.45
C THR A 97 10.91 10.88 -11.69
N LEU A 98 10.35 12.06 -11.40
CA LEU A 98 11.03 13.30 -11.72
C LEU A 98 12.38 13.40 -11.02
N PHE A 99 12.47 12.91 -9.78
CA PHE A 99 13.74 13.08 -9.07
C PHE A 99 14.70 11.92 -9.22
N VAL A 100 14.23 10.73 -9.64
CA VAL A 100 15.17 9.74 -10.15
C VAL A 100 15.81 10.26 -11.43
N GLN A 101 15.02 10.92 -12.28
CA GLN A 101 15.56 11.56 -13.48
C GLN A 101 16.52 12.68 -13.11
N ASP A 102 16.31 13.34 -11.96
CA ASP A 102 17.19 14.37 -11.43
C ASP A 102 18.38 13.78 -10.68
N ARG A 103 18.57 12.46 -10.80
CA ARG A 103 19.74 11.73 -10.33
C ARG A 103 19.83 11.64 -8.81
N HIS A 104 18.68 11.68 -8.12
CA HIS A 104 18.60 11.34 -6.71
C HIS A 104 18.04 9.94 -6.54
N THR A 105 18.57 9.21 -5.57
CA THR A 105 17.88 8.03 -5.07
C THR A 105 16.64 8.48 -4.32
N VAL A 106 15.52 7.82 -4.57
CA VAL A 106 14.23 8.24 -4.05
C VAL A 106 13.65 7.13 -3.20
N TYR A 107 13.36 7.44 -1.95
CA TYR A 107 12.58 6.57 -1.06
C TYR A 107 11.17 7.13 -0.94
N THR A 108 10.17 6.25 -1.01
CA THR A 108 8.80 6.61 -0.70
C THR A 108 8.31 5.65 0.37
N ILE A 109 7.49 6.14 1.31
CA ILE A 109 7.04 5.30 2.41
C ILE A 109 5.53 5.26 2.43
N ASP A 110 4.98 4.16 2.98
CA ASP A 110 3.63 4.11 3.54
C ASP A 110 3.80 3.98 5.05
N GLN A 111 3.47 5.04 5.79
CA GLN A 111 3.78 5.07 7.22
C GLN A 111 2.93 4.03 7.97
N PRO A 112 3.32 3.66 9.20
CA PRO A 112 2.47 2.71 9.94
C PRO A 112 1.03 3.19 9.98
N GLY A 113 0.09 2.29 9.70
CA GLY A 113 -1.32 2.59 9.69
C GLY A 113 -1.89 3.06 8.35
N ARG A 114 -1.06 3.15 7.31
CA ARG A 114 -1.50 3.64 6.00
C ARG A 114 -0.96 2.75 4.90
N GLY A 115 -1.80 2.45 3.90
CA GLY A 115 -1.37 1.67 2.75
C GLY A 115 -0.72 0.35 3.14
N ARG A 116 0.48 0.12 2.61
CA ARG A 116 1.20 -1.11 2.91
C ARG A 116 1.81 -1.14 4.30
N GLY A 117 1.74 -0.03 5.05
CA GLY A 117 2.10 -0.06 6.44
C GLY A 117 1.12 -0.91 7.23
N ASN A 118 1.50 -1.30 8.43
CA ASN A 118 0.66 -2.22 9.20
C ASN A 118 -0.55 -1.49 9.78
N ILE A 119 -1.70 -2.16 9.75
CA ILE A 119 -2.88 -1.76 10.49
C ILE A 119 -3.07 -2.77 11.63
N PRO A 120 -2.88 -2.36 12.89
CA PRO A 120 -2.80 -3.34 13.99
C PRO A 120 -4.17 -3.82 14.46
N THR A 121 -4.62 -4.93 13.90
CA THR A 121 -5.85 -5.57 14.35
C THR A 121 -5.68 -7.08 14.34
N PHE A 122 -6.60 -7.76 15.01
CA PHE A 122 -6.36 -9.14 15.40
C PHE A 122 -7.61 -9.97 15.20
N ASN A 123 -7.86 -10.93 16.07
CA ASN A 123 -9.14 -11.65 16.09
C ASN A 123 -10.00 -11.08 17.20
N GLY A 124 -11.01 -10.30 16.81
CA GLY A 124 -11.83 -9.59 17.75
C GLY A 124 -12.23 -8.24 17.18
N PRO A 125 -12.93 -7.44 17.98
CA PRO A 125 -13.29 -6.08 17.52
C PRO A 125 -12.05 -5.32 17.06
N PHE A 126 -12.22 -4.50 16.03
CA PHE A 126 -11.09 -3.84 15.39
C PHE A 126 -10.15 -3.21 16.42
N GLY A 127 -8.86 -3.57 16.32
CA GLY A 127 -7.82 -2.97 17.13
C GLY A 127 -7.63 -3.55 18.51
N GLN A 128 -8.44 -4.55 18.89
CA GLN A 128 -8.45 -5.09 20.25
C GLN A 128 -7.78 -6.45 20.26
N LEU A 129 -6.82 -6.60 21.17
CA LEU A 129 -6.12 -7.85 21.41
C LEU A 129 -6.54 -8.31 22.81
N GLU A 130 -7.53 -9.19 22.87
CA GLU A 130 -8.13 -9.64 24.13
C GLU A 130 -8.60 -8.40 24.87
N GLU A 131 -8.16 -8.15 26.09
CA GLU A 131 -8.59 -7.00 26.88
C GLU A 131 -7.86 -5.71 26.53
N GLU A 132 -6.88 -5.73 25.63
CA GLU A 132 -6.02 -4.58 25.39
C GLU A 132 -6.44 -3.87 24.11
N SER A 133 -6.60 -2.56 24.19
CA SER A 133 -6.92 -1.74 23.02
C SER A 133 -5.61 -1.25 22.40
N ILE A 134 -5.23 -1.84 21.27
CA ILE A 134 -4.01 -1.41 20.59
C ILE A 134 -4.27 -0.15 19.75
N VAL A 135 -5.38 -0.15 19.00
CA VAL A 135 -5.95 1.06 18.40
C VAL A 135 -7.44 1.04 18.65
N ASN A 136 -8.06 2.22 18.51
CA ASN A 136 -9.48 2.38 18.80
C ASN A 136 -10.35 1.64 17.78
N THR A 137 -11.42 1.02 18.28
CA THR A 137 -12.40 0.38 17.41
C THR A 137 -13.20 1.41 16.60
N VAL A 138 -13.48 2.56 17.20
CA VAL A 138 -14.19 3.63 16.50
C VAL A 138 -13.20 4.40 15.64
N THR A 139 -13.47 4.45 14.33
CA THR A 139 -12.60 5.17 13.40
C THR A 139 -13.16 6.55 13.07
N GLY A 140 -12.30 7.36 12.44
CA GLY A 140 -12.73 8.59 11.82
C GLY A 140 -12.20 8.63 10.40
N ASN A 141 -12.85 9.43 9.56
CA ASN A 141 -12.43 9.49 8.17
C ASN A 141 -13.00 10.76 7.54
N SER A 142 -12.28 11.31 6.57
CA SER A 142 -12.81 12.43 5.82
C SER A 142 -13.73 11.94 4.71
N SER A 143 -14.56 12.85 4.21
CA SER A 143 -15.41 12.60 3.05
C SER A 143 -14.81 13.27 1.82
N LYS A 144 -15.41 12.95 0.66
CA LYS A 144 -15.07 13.68 -0.55
C LYS A 144 -15.30 15.18 -0.38
N GLU A 145 -16.41 15.56 0.26
CA GLU A 145 -16.74 16.96 0.47
C GLU A 145 -15.72 17.64 1.38
N GLY A 146 -15.37 16.99 2.49
CA GLY A 146 -14.38 17.57 3.38
C GLY A 146 -13.01 17.69 2.72
N ALA A 147 -12.61 16.67 1.97
CA ALA A 147 -11.32 16.72 1.29
C ALA A 147 -11.31 17.80 0.20
N TRP A 148 -12.44 17.99 -0.49
CA TRP A 148 -12.50 19.02 -1.53
C TRP A 148 -12.11 20.38 -0.98
N VAL A 149 -12.68 20.75 0.18
CA VAL A 149 -12.39 22.09 0.71
C VAL A 149 -11.08 22.13 1.49
N ARG A 150 -10.71 21.03 2.17
CA ARG A 150 -9.39 20.95 2.78
C ARG A 150 -8.29 21.17 1.75
N ASP A 151 -8.45 20.61 0.57
CA ASP A 151 -7.40 20.65 -0.44
C ASP A 151 -7.48 21.90 -1.30
N ARG A 152 -8.48 22.75 -1.07
CA ARG A 152 -8.66 24.02 -1.77
C ARG A 152 -8.75 23.83 -3.29
N LEU A 153 -9.45 22.78 -3.73
CA LEU A 153 -9.85 22.72 -5.13
C LEU A 153 -10.72 23.92 -5.46
N GLY A 154 -11.57 24.31 -4.51
CA GLY A 154 -12.46 25.44 -4.64
C GLY A 154 -13.09 25.69 -3.28
N PRO A 155 -14.00 26.66 -3.20
CA PRO A 155 -14.55 27.03 -1.89
C PRO A 155 -15.63 26.10 -1.36
N ALA A 156 -16.24 25.28 -2.21
CA ALA A 156 -17.29 24.36 -1.82
C ALA A 156 -17.19 23.13 -2.71
N PRO A 157 -17.71 21.98 -2.24
CA PRO A 157 -17.59 20.75 -3.04
C PRO A 157 -18.19 20.92 -4.44
N GLY A 158 -17.46 20.41 -5.43
CA GLY A 158 -17.86 20.51 -6.81
C GLY A 158 -17.52 21.80 -7.51
N GLN A 159 -17.03 22.82 -6.78
CA GLN A 159 -16.70 24.11 -7.36
C GLN A 159 -15.19 24.29 -7.41
N PHE A 160 -14.67 24.78 -8.54
CA PHE A 160 -13.25 25.04 -8.69
C PHE A 160 -12.96 26.54 -8.66
N PHE A 161 -11.84 26.91 -8.02
CA PHE A 161 -11.26 28.23 -8.24
C PHE A 161 -10.94 28.36 -9.72
N GLU A 162 -11.18 29.55 -10.28
CA GLU A 162 -10.91 29.76 -11.71
C GLU A 162 -9.47 29.44 -12.07
N ASN A 163 -8.52 29.76 -11.18
CA ASN A 163 -7.11 29.59 -11.47
C ASN A 163 -6.58 28.19 -11.14
N SER A 164 -7.47 27.24 -10.80
CA SER A 164 -7.00 25.98 -10.20
C SER A 164 -6.02 25.23 -11.09
N GLN A 165 -4.98 24.68 -10.46
CA GLN A 165 -4.06 23.74 -11.11
C GLN A 165 -4.49 22.28 -10.95
N PHE A 166 -5.66 22.03 -10.37
CA PHE A 166 -6.10 20.64 -10.20
C PHE A 166 -6.34 19.99 -11.56
N PRO A 167 -5.99 18.70 -11.71
CA PRO A 167 -6.31 17.97 -12.95
C PRO A 167 -7.79 17.60 -13.06
N ARG A 168 -8.59 18.56 -13.52
CA ARG A 168 -10.04 18.37 -13.64
C ARG A 168 -10.36 17.15 -14.51
N GLY A 169 -11.47 16.50 -14.17
CA GLY A 169 -11.91 15.30 -14.84
C GLY A 169 -11.41 14.03 -14.23
N TYR A 170 -10.46 14.13 -13.31
CA TYR A 170 -9.88 12.97 -12.63
C TYR A 170 -10.16 13.04 -11.13
N GLU A 171 -11.29 13.66 -10.78
CA GLU A 171 -11.67 13.78 -9.38
C GLU A 171 -11.85 12.42 -8.73
N ASP A 172 -12.51 11.48 -9.41
CA ASP A 172 -12.71 10.17 -8.80
C ASP A 172 -11.36 9.52 -8.50
N ASN A 173 -10.45 9.55 -9.47
CA ASN A 173 -9.12 8.97 -9.27
C ASN A 173 -8.45 9.58 -8.04
N TYR A 174 -8.54 10.90 -7.92
CA TYR A 174 -7.91 11.64 -6.83
C TYR A 174 -8.47 11.22 -5.48
N PHE A 175 -9.79 11.29 -5.30
CA PHE A 175 -10.35 11.00 -3.99
C PHE A 175 -10.23 9.52 -3.63
N LYS A 176 -10.09 8.64 -4.62
CA LYS A 176 -9.92 7.22 -4.32
C LYS A 176 -8.61 6.92 -3.61
N GLU A 177 -7.64 7.86 -3.62
CA GLU A 177 -6.34 7.57 -3.00
C GLU A 177 -6.34 7.82 -1.49
N MET A 178 -7.43 8.33 -0.92
CA MET A 178 -7.48 8.77 0.47
C MET A 178 -8.23 7.75 1.31
N GLY A 179 -7.82 7.65 2.58
CA GLY A 179 -8.43 6.69 3.48
C GLY A 179 -8.21 7.03 4.95
N PHE A 180 -8.77 6.19 5.81
CA PHE A 180 -8.69 6.40 7.25
C PHE A 180 -7.30 6.04 7.79
N SER A 181 -7.01 6.51 9.01
CA SER A 181 -5.83 6.05 9.75
C SER A 181 -6.25 5.58 11.14
N PRO A 182 -5.79 4.40 11.58
CA PRO A 182 -6.07 3.96 12.95
C PRO A 182 -5.27 4.81 13.93
N SER A 183 -5.66 4.72 15.21
CA SER A 183 -5.09 5.61 16.23
C SER A 183 -3.71 5.17 16.71
N ILE A 184 -2.80 4.87 15.80
CA ILE A 184 -1.41 4.58 16.18
C ILE A 184 -0.79 5.85 16.76
N SER A 185 -0.05 5.68 17.85
CA SER A 185 0.58 6.84 18.48
C SER A 185 1.58 7.47 17.51
N SER A 186 1.61 8.81 17.50
CA SER A 186 2.56 9.51 16.65
C SER A 186 4.00 9.16 17.01
N ASP A 187 4.28 8.89 18.29
CA ASP A 187 5.61 8.43 18.71
C ASP A 187 6.06 7.22 17.91
N GLU A 188 5.16 6.26 17.69
CA GLU A 188 5.55 5.04 16.97
C GLU A 188 5.73 5.30 15.48
N ILE A 189 5.06 6.30 14.93
CA ILE A 189 5.28 6.65 13.53
C ILE A 189 6.65 7.32 13.39
N VAL A 190 6.95 8.27 14.28
CA VAL A 190 8.26 8.93 14.26
C VAL A 190 9.38 7.89 14.45
N ASP A 191 9.17 6.94 15.36
CA ASP A 191 10.17 5.91 15.62
C ASP A 191 10.51 5.12 14.36
N ALA A 192 9.51 4.73 13.57
CA ALA A 192 9.79 3.98 12.36
C ALA A 192 10.63 4.79 11.38
N VAL A 193 10.32 6.07 11.24
CA VAL A 193 11.08 6.87 10.28
C VAL A 193 12.49 7.15 10.81
N VAL A 194 12.63 7.36 12.13
CA VAL A 194 13.99 7.49 12.67
C VAL A 194 14.81 6.25 12.33
N LYS A 195 14.21 5.06 12.43
CA LYS A 195 14.97 3.84 12.12
C LYS A 195 15.30 3.78 10.64
N LEU A 196 14.40 4.26 9.77
CA LEU A 196 14.71 4.30 8.34
C LEU A 196 15.87 5.25 8.07
N VAL A 197 15.84 6.44 8.68
CA VAL A 197 16.90 7.42 8.47
C VAL A 197 18.24 6.89 8.97
N THR A 198 18.23 6.14 10.07
CA THR A 198 19.47 5.51 10.54
C THR A 198 20.00 4.53 9.50
N HIS A 199 19.10 3.77 8.88
CA HIS A 199 19.48 2.79 7.89
C HIS A 199 20.02 3.44 6.62
N ILE A 200 19.37 4.52 6.17
CA ILE A 200 19.72 5.14 4.89
C ILE A 200 21.04 5.90 4.99
N GLY A 201 21.24 6.62 6.09
CA GLY A 201 22.32 7.58 6.18
C GLY A 201 21.81 8.98 5.91
N PRO A 202 22.71 9.93 5.67
CA PRO A 202 22.30 11.31 5.40
C PRO A 202 21.28 11.40 4.26
N CYS A 203 20.25 12.20 4.47
CA CYS A 203 19.12 12.24 3.55
C CYS A 203 18.36 13.55 3.76
N VAL A 204 17.38 13.78 2.88
CA VAL A 204 16.51 14.94 2.94
C VAL A 204 15.09 14.44 3.06
N LEU A 205 14.32 14.99 3.99
CA LEU A 205 12.91 14.63 4.11
C LEU A 205 12.09 15.61 3.29
N VAL A 206 11.19 15.08 2.47
CA VAL A 206 10.19 15.88 1.77
C VAL A 206 8.82 15.44 2.30
N THR A 207 8.17 16.32 3.05
CA THR A 207 6.95 15.98 3.79
C THR A 207 5.76 16.75 3.23
N HIS A 208 4.58 16.44 3.77
CA HIS A 208 3.33 16.95 3.24
C HIS A 208 2.31 16.94 4.37
N ALA A 209 1.69 18.09 4.63
CA ALA A 209 0.50 18.13 5.48
C ALA A 209 0.75 17.45 6.83
N ALA A 210 0.03 16.36 7.13
CA ALA A 210 0.17 15.71 8.44
C ALA A 210 1.60 15.25 8.74
N SER A 211 2.38 14.90 7.72
CA SER A 211 3.73 14.42 8.02
C SER A 211 4.73 15.55 8.25
N GLY A 212 4.31 16.81 8.06
CA GLY A 212 5.16 17.96 8.35
C GLY A 212 5.66 17.96 9.77
N VAL A 213 4.75 17.95 10.76
CA VAL A 213 5.21 17.99 12.16
C VAL A 213 6.00 16.73 12.50
N LEU A 214 5.61 15.59 11.91
CA LEU A 214 6.33 14.36 12.18
C LEU A 214 7.75 14.42 11.63
N GLY A 215 7.93 15.01 10.45
CA GLY A 215 9.27 15.13 9.89
C GLY A 215 10.16 16.07 10.69
N MET A 216 9.58 17.15 11.22
CA MET A 216 10.34 18.02 12.11
C MET A 216 10.80 17.24 13.34
N ARG A 217 9.90 16.46 13.94
CA ARG A 217 10.26 15.63 15.09
C ARG A 217 11.37 14.64 14.74
N VAL A 218 11.27 13.97 13.59
CA VAL A 218 12.33 13.05 13.19
C VAL A 218 13.69 13.76 13.13
N ALA A 219 13.72 14.95 12.53
CA ALA A 219 15.00 15.66 12.43
C ALA A 219 15.62 15.98 13.79
N THR A 220 14.79 16.19 14.82
CA THR A 220 15.36 16.47 16.15
C THR A 220 15.93 15.22 16.80
N HIS A 221 15.58 14.03 16.30
CA HIS A 221 16.13 12.78 16.79
C HIS A 221 17.21 12.20 15.89
N ALA A 222 17.39 12.73 14.68
CA ALA A 222 18.21 12.05 13.68
C ALA A 222 19.07 13.07 12.94
N LYS A 223 20.36 13.13 13.30
CA LYS A 223 21.26 14.06 12.64
C LYS A 223 21.45 13.75 11.16
N ASN A 224 21.09 12.54 10.70
CA ASN A 224 21.17 12.22 9.28
C ASN A 224 20.22 13.05 8.43
N VAL A 225 19.15 13.61 9.02
CA VAL A 225 18.26 14.47 8.25
C VAL A 225 19.01 15.78 7.99
N ARG A 226 19.36 16.04 6.73
N ARG A 226 19.36 16.05 6.74
CA ARG A 226 20.18 17.20 6.37
CA ARG A 226 20.17 17.20 6.41
C ARG A 226 19.37 18.35 5.79
C ARG A 226 19.36 18.37 5.84
N GLY A 227 18.06 18.21 5.71
CA GLY A 227 17.22 19.27 5.19
C GLY A 227 15.79 18.78 5.17
N ILE A 228 14.87 19.74 5.19
CA ILE A 228 13.43 19.44 5.16
C ILE A 228 12.77 20.37 4.17
N VAL A 229 11.95 19.82 3.28
CA VAL A 229 10.99 20.60 2.51
C VAL A 229 9.62 20.06 2.84
N ALA A 230 8.74 20.91 3.36
CA ALA A 230 7.41 20.49 3.80
C ALA A 230 6.36 21.21 2.97
N TYR A 231 5.53 20.43 2.27
CA TYR A 231 4.41 21.00 1.50
C TYR A 231 3.19 21.16 2.41
N GLU A 232 2.79 22.42 2.66
CA GLU A 232 1.59 22.75 3.43
C GLU A 232 1.44 21.91 4.70
N PRO A 233 2.40 21.99 5.62
CA PRO A 233 2.29 21.24 6.89
C PRO A 233 1.04 21.61 7.67
N ALA A 234 0.47 20.63 8.37
CA ALA A 234 -0.82 20.80 9.02
C ALA A 234 -0.74 21.24 10.47
N THR A 235 0.31 20.86 11.19
CA THR A 235 0.47 21.18 12.61
C THR A 235 1.78 21.94 12.79
N SER A 236 1.71 23.08 13.49
CA SER A 236 2.90 23.87 13.77
C SER A 236 3.64 23.32 15.00
N ILE A 237 4.90 23.73 15.16
CA ILE A 237 5.76 23.22 16.23
C ILE A 237 6.53 24.37 16.87
N PHE A 238 6.62 24.37 18.19
CA PHE A 238 7.25 25.43 18.97
C PHE A 238 8.03 24.84 20.14
N PRO A 239 8.97 25.59 20.72
CA PRO A 239 9.59 25.16 21.97
C PRO A 239 8.57 25.15 23.10
N LYS A 240 8.73 24.20 24.02
CA LYS A 240 7.78 24.05 25.12
C LYS A 240 7.66 25.36 25.88
N GLY A 241 6.42 25.74 26.21
CA GLY A 241 6.15 26.97 26.93
C GLY A 241 6.35 28.25 26.16
N LYS A 242 6.64 28.18 24.87
CA LYS A 242 6.89 29.37 24.05
C LYS A 242 5.97 29.40 22.83
N VAL A 243 4.74 28.93 22.98
CA VAL A 243 3.77 29.04 21.88
C VAL A 243 3.28 30.48 21.85
N PRO A 244 3.41 31.18 20.72
CA PRO A 244 2.90 32.55 20.62
C PRO A 244 1.38 32.59 20.55
N GLU A 245 0.87 33.81 20.67
CA GLU A 245 -0.55 34.05 20.52
C GLU A 245 -1.01 33.72 19.11
N ILE A 246 -1.97 32.81 19.01
CA ILE A 246 -2.57 32.46 17.72
C ILE A 246 -4.06 32.70 17.80
N PRO A 247 -4.67 33.44 16.87
CA PRO A 247 -6.09 33.77 16.99
C PRO A 247 -6.96 32.58 16.67
N PRO A 248 -8.22 32.60 17.11
CA PRO A 248 -9.18 31.61 16.62
C PRO A 248 -9.54 31.90 15.18
N LEU A 249 -10.36 31.04 14.57
CA LEU A 249 -10.81 31.27 13.21
C LEU A 249 -11.87 32.38 13.19
N ALA A 250 -12.25 32.78 11.98
CA ALA A 250 -13.19 33.89 11.81
C ALA A 250 -14.53 33.62 12.47
N ASP A 251 -14.93 32.36 12.66
CA ASP A 251 -16.18 32.08 13.35
C ASP A 251 -16.10 32.35 14.84
N LYS A 252 -14.91 32.68 15.34
CA LYS A 252 -14.66 33.04 16.73
C LYS A 252 -15.03 31.92 17.70
N LYS A 253 -15.05 30.69 17.21
CA LYS A 253 -15.31 29.45 17.93
C LYS A 253 -14.22 28.42 17.70
N SER A 254 -13.81 28.21 16.45
CA SER A 254 -12.88 27.16 16.08
C SER A 254 -11.43 27.61 16.23
N GLN A 255 -10.55 26.63 16.40
CA GLN A 255 -9.11 26.86 16.48
C GLN A 255 -8.41 25.95 15.49
N ILE A 256 -7.17 26.31 15.15
CA ILE A 256 -6.35 25.41 14.34
C ILE A 256 -5.85 24.26 15.21
N PHE A 257 -5.05 23.38 14.65
CA PHE A 257 -4.53 22.25 15.42
C PHE A 257 -3.63 22.77 16.54
N PRO A 258 -3.79 22.29 17.77
CA PRO A 258 -2.93 22.72 18.87
C PRO A 258 -1.47 22.49 18.51
N PRO A 259 -0.64 23.54 18.59
CA PRO A 259 0.76 23.39 18.19
C PRO A 259 1.47 22.36 19.03
N PHE A 260 2.35 21.60 18.38
CA PHE A 260 3.18 20.63 19.08
C PHE A 260 4.32 21.34 19.79
N GLU A 261 4.56 20.96 21.04
CA GLU A 261 5.62 21.58 21.84
C GLU A 261 6.69 20.56 22.14
N ILE A 262 7.95 20.94 21.95
CA ILE A 262 9.08 20.06 22.24
C ILE A 262 10.10 20.80 23.09
N GLN A 263 10.93 20.03 23.79
CA GLN A 263 12.02 20.58 24.58
C GLN A 263 12.91 21.50 23.73
N GLU A 264 13.31 22.66 24.29
CA GLU A 264 14.14 23.58 23.51
C GLU A 264 15.43 22.95 23.04
N SER A 265 16.00 22.04 23.84
CA SER A 265 17.24 21.40 23.40
C SER A 265 17.03 20.59 22.13
N TYR A 266 15.82 20.05 21.93
CA TYR A 266 15.54 19.34 20.68
C TYR A 266 15.14 20.33 19.58
N PHE A 267 14.33 21.33 19.93
CA PHE A 267 13.94 22.34 18.94
C PHE A 267 15.15 23.01 18.32
N LYS A 268 16.21 23.23 19.11
CA LYS A 268 17.40 23.88 18.60
C LYS A 268 18.03 23.12 17.45
N LYS A 269 17.82 21.80 17.38
CA LYS A 269 18.43 21.06 16.27
C LYS A 269 17.83 21.44 14.93
N LEU A 270 16.61 22.00 14.92
CA LEU A 270 16.02 22.47 13.68
C LEU A 270 16.76 23.67 13.11
N ALA A 271 17.53 24.40 13.94
CA ALA A 271 18.29 25.53 13.42
C ALA A 271 19.55 25.13 12.68
N LYS A 272 19.89 23.84 12.66
CA LYS A 272 21.16 23.39 12.09
C LYS A 272 21.05 22.89 10.66
N ILE A 273 19.84 22.86 10.10
CA ILE A 273 19.63 22.37 8.74
C ILE A 273 18.72 23.32 8.01
N PRO A 274 18.82 23.37 6.68
CA PRO A 274 17.89 24.22 5.92
C PRO A 274 16.50 23.61 5.88
N ILE A 275 15.50 24.47 6.10
CA ILE A 275 14.10 24.05 6.17
C ILE A 275 13.27 25.00 5.31
N GLN A 276 12.41 24.45 4.47
CA GLN A 276 11.52 25.26 3.64
C GLN A 276 10.11 24.72 3.75
N PHE A 277 9.15 25.60 4.06
CA PHE A 277 7.73 25.28 3.99
C PHE A 277 7.17 25.86 2.69
N VAL A 278 6.38 25.07 1.96
CA VAL A 278 5.87 25.51 0.66
C VAL A 278 4.35 25.57 0.74
N PHE A 279 3.77 26.70 0.34
CA PHE A 279 2.32 26.84 0.34
C PHE A 279 1.82 27.17 -1.05
N GLY A 280 0.66 26.63 -1.39
CA GLY A 280 0.02 26.91 -2.65
C GLY A 280 -0.82 28.17 -2.61
N ASP A 281 -1.83 28.20 -3.45
CA ASP A 281 -2.59 29.41 -3.71
C ASP A 281 -3.97 29.36 -3.05
N ASN A 282 -4.68 30.48 -3.14
CA ASN A 282 -6.07 30.61 -2.70
C ASN A 282 -6.21 30.44 -1.19
N ILE A 283 -5.19 30.85 -0.44
CA ILE A 283 -5.29 30.99 1.01
C ILE A 283 -5.62 32.45 1.29
N PRO A 284 -6.76 32.76 1.91
CA PRO A 284 -7.17 34.16 2.06
C PRO A 284 -6.24 34.94 2.98
N LYS A 285 -6.14 36.24 2.74
CA LYS A 285 -5.30 37.12 3.60
C LYS A 285 -6.15 37.61 4.78
N ASN A 286 -7.46 37.73 4.59
CA ASN A 286 -8.36 38.26 5.60
C ASN A 286 -9.35 37.19 6.05
N PRO A 287 -9.94 37.36 7.24
CA PRO A 287 -10.85 36.33 7.76
C PRO A 287 -11.99 36.04 6.79
N LYS A 288 -12.32 34.75 6.68
CA LYS A 288 -13.38 34.28 5.76
C LYS A 288 -14.32 33.34 6.53
N SER A 289 -15.31 33.88 7.25
CA SER A 289 -16.20 33.07 8.07
C SER A 289 -17.10 32.17 7.25
N ALA A 290 -17.30 32.47 5.96
CA ALA A 290 -18.16 31.64 5.12
C ALA A 290 -17.51 30.33 4.70
N TYR A 291 -16.19 30.24 4.74
CA TYR A 291 -15.46 29.10 4.19
C TYR A 291 -14.46 28.62 5.24
N TRP A 292 -14.89 27.65 6.03
CA TRP A 292 -14.16 27.27 7.23
C TRP A 292 -12.72 26.86 6.91
N PHE A 293 -12.52 25.99 5.90
CA PHE A 293 -11.16 25.49 5.68
C PHE A 293 -10.26 26.51 5.02
N LEU A 294 -10.81 27.46 4.24
CA LEU A 294 -9.98 28.55 3.75
C LEU A 294 -9.46 29.38 4.91
N ASP A 295 -10.35 29.70 5.86
CA ASP A 295 -9.93 30.44 7.05
C ASP A 295 -8.96 29.63 7.90
N TRP A 296 -9.19 28.32 8.02
CA TRP A 296 -8.27 27.45 8.75
C TRP A 296 -6.88 27.50 8.15
N TRP A 297 -6.77 27.46 6.81
CA TRP A 297 -5.45 27.56 6.19
C TRP A 297 -4.81 28.93 6.41
N ARG A 298 -5.62 30.00 6.44
CA ARG A 298 -5.07 31.32 6.75
C ARG A 298 -4.36 31.32 8.10
N VAL A 299 -5.04 30.82 9.14
CA VAL A 299 -4.44 30.90 10.47
C VAL A 299 -3.35 29.86 10.64
N THR A 300 -3.48 28.69 10.01
CA THR A 300 -2.42 27.70 10.10
C THR A 300 -1.14 28.19 9.43
N ARG A 301 -1.26 28.78 8.24
CA ARG A 301 -0.09 29.35 7.59
C ARG A 301 0.55 30.43 8.46
N TYR A 302 -0.27 31.25 9.11
CA TYR A 302 0.26 32.28 10.02
C TYR A 302 1.05 31.64 11.16
N ALA A 303 0.50 30.59 11.77
CA ALA A 303 1.21 29.91 12.86
C ALA A 303 2.56 29.37 12.38
N HIS A 304 2.60 28.75 11.19
CA HIS A 304 3.85 28.25 10.66
C HIS A 304 4.86 29.38 10.43
N SER A 305 4.37 30.56 10.00
CA SER A 305 5.28 31.70 9.86
C SER A 305 5.96 32.02 11.19
N LEU A 306 5.23 31.92 12.29
CA LEU A 306 5.83 32.18 13.60
C LEU A 306 6.78 31.07 14.04
N SER A 307 6.47 29.83 13.67
CA SER A 307 7.36 28.70 13.95
C SER A 307 8.69 28.88 13.22
N LEU A 308 8.66 29.18 11.93
CA LEU A 308 9.89 29.41 11.18
C LEU A 308 10.67 30.57 11.79
N GLU A 309 9.97 31.63 12.20
CA GLU A 309 10.64 32.75 12.85
C GLU A 309 11.37 32.32 14.11
N ALA A 310 10.76 31.44 14.90
CA ALA A 310 11.39 30.94 16.12
C ALA A 310 12.65 30.16 15.81
N ILE A 311 12.64 29.38 14.71
CA ILE A 311 13.83 28.65 14.32
C ILE A 311 14.93 29.61 13.91
N ASN A 312 14.58 30.68 13.18
CA ASN A 312 15.60 31.61 12.73
C ASN A 312 16.19 32.40 13.89
N LYS A 313 15.42 32.63 14.95
CA LYS A 313 15.94 33.33 16.13
C LYS A 313 16.88 32.47 16.96
N LEU A 314 16.95 31.18 16.67
CA LEU A 314 17.94 30.26 17.22
C LEU A 314 19.09 30.05 16.25
N GLY A 315 19.21 30.91 15.25
CA GLY A 315 20.30 30.84 14.31
C GLY A 315 20.01 29.99 13.09
N GLY A 316 18.76 29.68 12.83
CA GLY A 316 18.41 28.73 11.79
C GLY A 316 18.36 29.35 10.40
N GLN A 317 17.91 28.54 9.43
CA GLN A 317 17.75 28.98 8.05
C GLN A 317 16.44 28.35 7.56
N ALA A 318 15.32 28.89 8.03
CA ALA A 318 14.00 28.36 7.79
C ALA A 318 13.19 29.37 6.99
N SER A 319 12.60 28.93 5.89
CA SER A 319 11.93 29.87 5.01
C SER A 319 10.54 29.38 4.63
N LEU A 320 9.68 30.33 4.27
CA LEU A 320 8.34 30.05 3.77
C LEU A 320 8.30 30.46 2.30
N LEU A 321 8.00 29.52 1.43
CA LEU A 321 7.85 29.78 0.01
C LEU A 321 6.37 29.74 -0.34
N ASP A 322 5.82 30.90 -0.73
CA ASP A 322 4.47 30.94 -1.29
C ASP A 322 4.59 30.80 -2.80
N LEU A 323 4.02 29.73 -3.36
CA LEU A 323 4.19 29.49 -4.78
C LEU A 323 3.74 30.66 -5.65
N PRO A 324 2.67 31.40 -5.35
CA PRO A 324 2.34 32.56 -6.18
C PRO A 324 3.45 33.59 -6.27
N THR A 325 4.26 33.76 -5.22
CA THR A 325 5.38 34.70 -5.33
C THR A 325 6.45 34.21 -6.30
N ALA A 326 6.52 32.90 -6.55
CA ALA A 326 7.43 32.34 -7.54
C ALA A 326 6.82 32.30 -8.94
N GLY A 327 5.64 32.88 -9.13
CA GLY A 327 5.04 32.92 -10.44
C GLY A 327 4.08 31.80 -10.74
N LEU A 328 3.81 30.92 -9.78
CA LEU A 328 2.94 29.76 -9.97
C LEU A 328 1.61 30.04 -9.31
N ARG A 329 0.56 30.04 -10.11
CA ARG A 329 -0.78 30.39 -9.58
C ARG A 329 -1.75 29.22 -9.60
N GLY A 330 -2.58 29.15 -8.58
CA GLY A 330 -3.64 28.16 -8.56
C GLY A 330 -3.32 26.84 -7.89
N ASN A 331 -2.16 26.69 -7.25
CA ASN A 331 -1.85 25.38 -6.71
C ASN A 331 -2.79 25.02 -5.57
N THR A 332 -3.14 23.75 -5.51
CA THR A 332 -3.93 23.15 -4.43
C THR A 332 -3.01 22.73 -3.28
N HIS A 333 -3.59 22.02 -2.32
CA HIS A 333 -2.87 21.43 -1.19
C HIS A 333 -1.92 20.31 -1.61
N PHE A 334 -1.99 19.85 -2.87
CA PHE A 334 -1.09 18.83 -3.41
C PHE A 334 -0.30 19.42 -4.58
N PRO A 335 0.60 20.37 -4.34
CA PRO A 335 1.28 21.01 -5.50
C PRO A 335 2.06 20.03 -6.34
N PHE A 336 2.58 18.96 -5.73
CA PHE A 336 3.38 17.95 -6.41
C PHE A 336 2.53 16.98 -7.25
N THR A 337 1.19 17.09 -7.26
CA THR A 337 0.41 16.35 -8.25
C THR A 337 -0.46 17.25 -9.13
N ASP A 338 -0.35 18.57 -8.98
CA ASP A 338 -1.09 19.54 -9.79
C ASP A 338 -0.57 19.55 -11.23
N ARG A 339 -1.27 20.29 -12.09
CA ARG A 339 -0.91 20.32 -13.52
C ARG A 339 0.46 20.93 -13.77
N ASN A 340 0.93 21.82 -12.88
CA ASN A 340 2.25 22.44 -13.00
C ASN A 340 3.27 21.79 -12.08
N ASN A 341 3.10 20.50 -11.76
CA ASN A 341 4.02 19.90 -10.79
C ASN A 341 5.46 19.82 -11.29
N VAL A 342 5.71 19.90 -12.61
CA VAL A 342 7.10 19.97 -13.08
C VAL A 342 7.73 21.29 -12.63
N GLN A 343 6.99 22.40 -12.69
N GLN A 343 6.97 22.37 -12.65
CA GLN A 343 7.51 23.67 -12.17
CA GLN A 343 7.51 23.67 -12.18
C GLN A 343 7.71 23.62 -10.67
C GLN A 343 7.71 23.62 -10.67
N VAL A 344 6.78 22.97 -9.95
CA VAL A 344 6.95 22.81 -8.50
C VAL A 344 8.22 22.02 -8.21
N ALA A 345 8.45 20.95 -8.99
CA ALA A 345 9.66 20.15 -8.82
C ALA A 345 10.91 20.98 -9.08
N SER A 346 10.85 21.87 -10.06
CA SER A 346 12.01 22.71 -10.38
C SER A 346 12.42 23.55 -9.18
N LEU A 347 11.43 24.06 -8.43
CA LEU A 347 11.72 24.84 -7.23
C LEU A 347 12.29 23.97 -6.12
N LEU A 348 11.90 22.71 -6.05
CA LEU A 348 12.53 21.81 -5.09
C LEU A 348 13.97 21.52 -5.48
N SER A 349 14.23 21.29 -6.78
CA SER A 349 15.61 21.12 -7.23
C SER A 349 16.44 22.37 -6.94
N ASP A 350 15.84 23.55 -7.05
CA ASP A 350 16.56 24.80 -6.73
C ASP A 350 16.98 24.84 -5.27
N PHE A 351 16.08 24.44 -4.37
CA PHE A 351 16.41 24.39 -2.95
C PHE A 351 17.53 23.39 -2.70
N LEU A 352 17.41 22.19 -3.28
CA LEU A 352 18.44 21.18 -3.09
C LEU A 352 19.80 21.68 -3.59
N GLY A 353 19.81 22.39 -4.73
CA GLY A 353 21.08 22.85 -5.29
C GLY A 353 21.72 23.97 -4.50
N LYS A 354 20.92 24.91 -3.99
CA LYS A 354 21.45 26.05 -3.19
C LYS A 354 22.16 25.54 -1.95
N HIS A 355 21.66 24.46 -1.37
CA HIS A 355 22.21 23.96 -0.12
C HIS A 355 23.15 22.79 -0.32
N GLY A 356 23.60 22.56 -1.55
CA GLY A 356 24.60 21.55 -1.79
C GLY A 356 24.13 20.13 -1.59
N LEU A 357 22.82 19.92 -1.51
CA LEU A 357 22.24 18.60 -1.31
C LEU A 357 22.13 17.81 -2.60
N ASP A 358 22.58 18.35 -3.73
CA ASP A 358 22.57 17.65 -5.01
C ASP A 358 23.97 17.38 -5.53
N GLN A 359 24.98 17.44 -4.66
CA GLN A 359 26.35 17.13 -5.02
C GLN A 359 26.91 16.10 -4.06
N ASN A 360 27.83 15.29 -4.56
CA ASN A 360 28.43 14.21 -3.77
C ASN A 360 29.58 14.71 -2.89
N LYS B 12 22.14 -7.41 -12.90
CA LYS B 12 20.86 -8.11 -12.62
C LYS B 12 19.90 -7.24 -11.79
N ARG B 13 20.39 -6.18 -11.16
CA ARG B 13 19.44 -5.30 -10.43
C ARG B 13 18.97 -4.17 -11.35
N LYS B 14 19.67 -3.95 -12.45
CA LYS B 14 19.35 -2.80 -13.32
C LYS B 14 18.06 -3.02 -14.09
N VAL B 15 17.26 -1.98 -14.20
CA VAL B 15 15.97 -2.07 -14.92
C VAL B 15 15.73 -0.78 -15.69
N VAL B 16 15.35 -0.92 -16.94
CA VAL B 16 15.09 0.27 -17.81
C VAL B 16 13.59 0.31 -18.10
N LEU B 17 12.95 1.39 -17.67
CA LEU B 17 11.51 1.52 -17.81
C LEU B 17 11.20 2.59 -18.84
N ALA B 18 10.40 2.22 -19.86
CA ALA B 18 9.86 3.23 -20.77
C ALA B 18 8.92 4.16 -20.01
N GLU B 19 8.19 3.63 -19.05
CA GLU B 19 7.24 4.41 -18.26
C GLU B 19 6.88 3.59 -17.03
N GLN B 20 6.46 4.29 -15.98
CA GLN B 20 5.95 3.63 -14.79
C GLN B 20 4.89 4.53 -14.18
N GLY B 21 4.06 3.96 -13.33
CA GLY B 21 3.07 4.78 -12.66
C GLY B 21 2.10 3.93 -11.86
N SER B 22 1.09 4.60 -11.30
CA SER B 22 0.06 3.89 -10.57
C SER B 22 -1.25 4.65 -10.66
N PHE B 23 -2.33 3.94 -10.38
CA PHE B 23 -3.67 4.53 -10.50
C PHE B 23 -4.64 3.69 -9.69
N TYR B 24 -5.84 4.26 -9.49
CA TYR B 24 -6.93 3.59 -8.79
C TYR B 24 -8.00 3.19 -9.79
N ILE B 25 -8.64 2.04 -9.56
CA ILE B 25 -9.69 1.57 -10.46
C ILE B 25 -10.76 0.85 -9.64
N GLY B 26 -12.01 0.92 -10.12
CA GLY B 26 -13.07 0.17 -9.49
C GLY B 26 -13.61 0.85 -8.25
N GLY B 27 -14.49 0.14 -7.56
CA GLY B 27 -15.11 0.69 -6.37
C GLY B 27 -16.46 1.34 -6.65
N ARG B 28 -17.05 1.85 -5.58
CA ARG B 28 -18.34 2.52 -5.64
C ARG B 28 -18.35 3.63 -4.59
N THR B 29 -19.46 4.35 -4.47
CA THR B 29 -19.60 5.35 -3.41
C THR B 29 -20.77 5.01 -2.51
N VAL B 30 -20.65 5.40 -1.24
CA VAL B 30 -21.71 5.30 -0.24
C VAL B 30 -21.79 6.65 0.46
N THR B 31 -22.93 6.94 1.06
CA THR B 31 -23.18 8.32 1.46
C THR B 31 -23.84 8.37 2.84
N GLY B 32 -23.49 9.39 3.61
CA GLY B 32 -24.12 9.65 4.88
C GLY B 32 -25.33 10.56 4.68
N PRO B 33 -26.05 10.83 5.76
CA PRO B 33 -27.27 11.63 5.64
C PRO B 33 -26.97 13.13 5.64
N GLY B 34 -27.94 13.89 5.15
CA GLY B 34 -27.88 15.33 5.29
C GLY B 34 -27.05 16.03 4.21
N LYS B 35 -26.74 17.28 4.51
CA LYS B 35 -26.05 18.14 3.53
C LYS B 35 -24.76 18.70 4.13
N PHE B 36 -23.77 18.91 3.29
CA PHE B 36 -22.49 19.47 3.70
C PHE B 36 -22.56 20.99 3.69
N ASP B 37 -22.07 21.61 4.76
CA ASP B 37 -22.07 23.07 4.89
C ASP B 37 -20.62 23.55 5.05
N PRO B 38 -20.04 24.23 4.05
CA PRO B 38 -18.62 24.60 4.13
C PRO B 38 -18.29 25.65 5.17
N SER B 39 -19.29 26.27 5.81
CA SER B 39 -19.02 27.24 6.86
C SER B 39 -18.91 26.62 8.24
N LYS B 40 -19.40 25.41 8.43
CA LYS B 40 -19.29 24.73 9.71
C LYS B 40 -17.95 24.05 9.83
N PRO B 41 -17.48 23.78 11.05
CA PRO B 41 -16.20 23.10 11.22
C PRO B 41 -16.17 21.80 10.43
N VAL B 42 -15.16 21.64 9.61
CA VAL B 42 -15.13 20.48 8.73
C VAL B 42 -14.50 19.27 9.41
N ILE B 43 -13.55 19.48 10.32
CA ILE B 43 -12.91 18.38 11.03
C ILE B 43 -13.76 18.06 12.25
N ARG B 44 -14.65 17.10 12.04
CA ARG B 44 -15.58 16.67 13.11
C ARG B 44 -15.99 15.20 12.92
N TYR B 45 -16.44 14.56 14.00
CA TYR B 45 -16.91 13.15 14.00
C TYR B 45 -18.30 13.15 13.38
N SER B 46 -18.39 13.05 12.07
CA SER B 46 -19.70 13.10 11.41
C SER B 46 -19.68 12.53 9.99
N ASN B 47 -20.75 11.84 9.63
CA ASN B 47 -20.92 11.37 8.24
C ASN B 47 -21.95 12.32 7.57
N GLU B 48 -22.19 13.50 8.16
CA GLU B 48 -23.16 14.46 7.62
C GLU B 48 -22.77 14.93 6.24
N GLY B 49 -23.67 14.71 5.26
CA GLY B 49 -23.44 15.15 3.90
C GLY B 49 -22.20 14.55 3.27
N ALA B 50 -21.79 13.36 3.70
CA ALA B 50 -20.54 12.77 3.29
C ALA B 50 -20.71 11.80 2.14
N THR B 51 -19.81 11.88 1.16
CA THR B 51 -19.63 10.88 0.12
C THR B 51 -18.31 10.17 0.34
N PHE B 52 -18.33 8.84 0.37
CA PHE B 52 -17.13 8.03 0.57
C PHE B 52 -16.90 7.15 -0.64
N TYR B 53 -15.67 7.13 -1.16
CA TYR B 53 -15.29 6.15 -2.17
C TYR B 53 -14.81 4.88 -1.46
N ILE B 54 -15.41 3.73 -1.78
CA ILE B 54 -15.06 2.49 -1.11
C ILE B 54 -14.78 1.38 -2.11
N ASN B 55 -13.93 0.43 -1.68
CA ASN B 55 -13.64 -0.82 -2.37
C ASN B 55 -12.90 -0.64 -3.69
N GLN B 56 -12.24 0.50 -3.88
CA GLN B 56 -11.37 0.72 -5.03
C GLN B 56 -10.05 -0.03 -4.84
N MET B 57 -9.38 -0.29 -5.97
CA MET B 57 -8.15 -1.08 -6.04
C MET B 57 -6.99 -0.21 -6.49
N TYR B 58 -5.80 -0.43 -5.90
CA TYR B 58 -4.59 0.25 -6.33
C TYR B 58 -3.87 -0.61 -7.37
N VAL B 59 -3.35 0.03 -8.42
CA VAL B 59 -2.65 -0.66 -9.51
C VAL B 59 -1.35 0.06 -9.84
N ASN B 60 -0.24 -0.68 -9.86
CA ASN B 60 1.05 -0.16 -10.30
C ASN B 60 1.38 -0.78 -11.64
N PHE B 61 2.14 -0.07 -12.47
CA PHE B 61 2.65 -0.67 -13.69
C PHE B 61 4.05 -0.18 -14.00
N GLN B 62 4.84 -1.07 -14.60
CA GLN B 62 6.16 -0.75 -15.11
C GLN B 62 6.28 -1.35 -16.50
N ALA B 63 6.63 -0.52 -17.49
CA ALA B 63 6.70 -1.02 -18.86
C ALA B 63 8.13 -0.95 -19.36
N PRO B 64 8.65 -2.03 -19.92
CA PRO B 64 10.00 -1.97 -20.51
C PRO B 64 9.97 -1.20 -21.83
N VAL B 65 11.17 -0.95 -22.34
CA VAL B 65 11.29 -0.39 -23.70
C VAL B 65 11.07 -1.59 -24.63
N ARG B 66 10.23 -1.43 -25.65
CA ARG B 66 9.94 -2.53 -26.61
C ARG B 66 9.42 -3.76 -25.87
N PRO B 67 8.21 -3.70 -25.31
CA PRO B 67 7.64 -4.87 -24.72
C PRO B 67 7.36 -5.96 -25.75
N ARG B 68 7.42 -7.20 -25.30
CA ARG B 68 7.11 -8.33 -26.20
C ARG B 68 6.07 -9.20 -25.49
N GLY B 69 5.01 -9.51 -26.18
CA GLY B 69 4.01 -10.42 -25.59
C GLY B 69 2.99 -9.68 -24.76
N LEU B 70 2.27 -10.45 -23.98
CA LEU B 70 1.16 -9.85 -23.25
C LEU B 70 1.58 -9.26 -21.89
N PRO B 71 0.96 -8.17 -21.39
CA PRO B 71 1.22 -7.73 -20.03
C PRO B 71 0.84 -8.80 -19.01
N LEU B 72 1.58 -8.81 -17.91
CA LEU B 72 1.33 -9.72 -16.79
C LEU B 72 0.72 -8.94 -15.64
N VAL B 73 -0.30 -9.53 -15.01
CA VAL B 73 -0.94 -8.94 -13.84
C VAL B 73 -0.62 -9.85 -12.66
N PHE B 74 0.19 -9.36 -11.73
CA PHE B 74 0.55 -10.13 -10.55
C PHE B 74 -0.41 -9.81 -9.41
N TRP B 75 -1.03 -10.86 -8.86
CA TRP B 75 -2.09 -10.74 -7.87
C TRP B 75 -1.70 -11.48 -6.60
N HIS B 76 -1.39 -10.72 -5.55
CA HIS B 76 -0.94 -11.23 -4.27
C HIS B 76 -1.96 -12.17 -3.61
N GLY B 77 -1.46 -13.04 -2.75
CA GLY B 77 -2.28 -13.92 -1.95
C GLY B 77 -2.90 -13.24 -0.74
N GLY B 78 -3.51 -14.08 0.10
CA GLY B 78 -4.27 -13.60 1.24
C GLY B 78 -3.45 -12.81 2.24
N GLY B 79 -3.95 -11.64 2.61
CA GLY B 79 -3.27 -10.82 3.61
C GLY B 79 -1.99 -10.17 3.13
N LEU B 80 -1.76 -10.13 1.84
CA LEU B 80 -0.52 -9.60 1.28
C LEU B 80 -0.79 -8.36 0.42
N THR B 81 0.28 -7.83 -0.18
CA THR B 81 0.20 -6.71 -1.10
C THR B 81 1.14 -6.96 -2.27
N GLY B 82 1.17 -6.03 -3.21
CA GLY B 82 2.11 -6.08 -4.33
C GLY B 82 3.58 -6.10 -3.92
N HIS B 83 3.90 -5.80 -2.66
CA HIS B 83 5.29 -5.87 -2.20
C HIS B 83 5.92 -7.22 -2.55
N ILE B 84 5.14 -8.31 -2.49
CA ILE B 84 5.74 -9.64 -2.63
C ILE B 84 6.24 -9.86 -4.05
N TRP B 85 5.78 -9.06 -5.01
CA TRP B 85 6.31 -9.14 -6.36
C TRP B 85 7.44 -8.17 -6.59
N GLU B 86 7.65 -7.22 -5.67
CA GLU B 86 8.69 -6.21 -5.83
C GLU B 86 10.06 -6.71 -5.38
N SER B 87 10.13 -7.32 -4.20
CA SER B 87 11.38 -7.74 -3.60
C SER B 87 11.13 -8.95 -2.70
N THR B 88 12.18 -9.74 -2.51
CA THR B 88 12.13 -10.84 -1.56
C THR B 88 12.40 -10.29 -0.15
N PRO B 89 12.16 -11.08 0.90
CA PRO B 89 12.38 -10.55 2.25
C PRO B 89 13.83 -10.14 2.50
N ASP B 90 14.77 -10.79 1.83
CA ASP B 90 16.19 -10.47 1.96
C ASP B 90 16.67 -9.48 0.90
N GLY B 91 15.75 -8.83 0.20
CA GLY B 91 16.12 -7.73 -0.67
C GLY B 91 16.53 -8.09 -2.08
N ARG B 92 16.35 -9.33 -2.52
CA ARG B 92 16.64 -9.68 -3.90
C ARG B 92 15.47 -9.27 -4.80
N PRO B 93 15.71 -9.11 -6.10
CA PRO B 93 14.64 -8.69 -7.02
C PRO B 93 13.48 -9.66 -7.03
N GLY B 94 12.27 -9.10 -7.02
CA GLY B 94 11.06 -9.88 -7.20
C GLY B 94 10.68 -10.04 -8.67
N PHE B 95 9.55 -10.72 -8.87
CA PHE B 95 9.07 -11.02 -10.22
C PHE B 95 8.76 -9.76 -11.02
N GLN B 96 8.43 -8.65 -10.35
CA GLN B 96 8.20 -7.41 -11.09
C GLN B 96 9.45 -7.03 -11.87
N THR B 97 10.60 -6.97 -11.20
CA THR B 97 11.85 -6.67 -11.89
C THR B 97 12.22 -7.75 -12.89
N LEU B 98 12.07 -9.02 -12.50
CA LEU B 98 12.52 -10.10 -13.37
C LEU B 98 11.77 -10.10 -14.69
N PHE B 99 10.47 -9.77 -14.66
CA PHE B 99 9.70 -9.87 -15.90
C PHE B 99 9.69 -8.57 -16.70
N VAL B 100 9.95 -7.41 -16.09
CA VAL B 100 10.30 -6.24 -16.88
C VAL B 100 11.59 -6.49 -17.63
N GLN B 101 12.56 -7.15 -16.97
CA GLN B 101 13.80 -7.52 -17.64
C GLN B 101 13.55 -8.54 -18.75
N ASP B 102 12.53 -9.41 -18.60
CA ASP B 102 12.09 -10.35 -19.63
C ASP B 102 11.20 -9.69 -20.68
N ARG B 103 11.10 -8.36 -20.64
CA ARG B 103 10.44 -7.54 -21.66
C ARG B 103 8.91 -7.67 -21.65
N HIS B 104 8.32 -7.97 -20.49
CA HIS B 104 6.88 -7.83 -20.33
C HIS B 104 6.57 -6.56 -19.56
N THR B 105 5.49 -5.88 -19.97
CA THR B 105 4.89 -4.89 -19.09
C THR B 105 4.28 -5.60 -17.89
N VAL B 106 4.47 -5.04 -16.70
CA VAL B 106 4.10 -5.71 -15.47
C VAL B 106 3.16 -4.81 -14.67
N TYR B 107 1.98 -5.32 -14.35
CA TYR B 107 1.05 -4.70 -13.42
C TYR B 107 1.07 -5.45 -12.11
N THR B 108 1.08 -4.72 -10.99
CA THR B 108 0.95 -5.33 -9.68
C THR B 108 -0.18 -4.60 -8.96
N ILE B 109 -0.99 -5.33 -8.20
CA ILE B 109 -2.16 -4.69 -7.59
C ILE B 109 -2.12 -4.87 -6.09
N ASP B 110 -2.78 -3.93 -5.39
CA ASP B 110 -3.21 -4.13 -4.02
C ASP B 110 -4.73 -4.22 -4.09
N GLN B 111 -5.29 -5.41 -3.87
CA GLN B 111 -6.72 -5.61 -4.09
C GLN B 111 -7.52 -4.79 -3.08
N PRO B 112 -8.80 -4.53 -3.35
CA PRO B 112 -9.62 -3.82 -2.38
C PRO B 112 -9.52 -4.51 -1.02
N GLY B 113 -9.29 -3.72 0.02
CA GLY B 113 -9.17 -4.24 1.37
C GLY B 113 -7.76 -4.52 1.83
N ARG B 114 -6.76 -4.36 0.96
CA ARG B 114 -5.38 -4.71 1.27
C ARG B 114 -4.44 -3.60 0.81
N GLY B 115 -3.44 -3.27 1.65
CA GLY B 115 -2.43 -2.30 1.28
C GLY B 115 -3.00 -0.98 0.81
N ARG B 116 -2.63 -0.54 -0.39
CA ARG B 116 -3.10 0.73 -0.93
C ARG B 116 -4.52 0.64 -1.50
N GLY B 117 -5.09 -0.56 -1.55
CA GLY B 117 -6.52 -0.67 -1.80
C GLY B 117 -7.32 -0.07 -0.65
N ASN B 118 -8.59 0.21 -0.91
CA ASN B 118 -9.40 0.90 0.10
C ASN B 118 -9.79 -0.05 1.22
N ILE B 119 -9.78 0.50 2.44
CA ILE B 119 -10.34 -0.22 3.62
C ILE B 119 -11.61 0.58 3.99
N PRO B 120 -12.81 0.03 3.78
CA PRO B 120 -14.05 0.79 3.98
C PRO B 120 -14.48 1.09 5.41
N THR B 121 -14.03 2.22 5.92
CA THR B 121 -14.43 2.64 7.28
C THR B 121 -14.73 4.13 7.27
N PHE B 122 -15.48 4.57 8.27
CA PHE B 122 -16.02 5.94 8.26
C PHE B 122 -15.87 6.56 9.65
N ASN B 123 -16.81 7.39 10.03
CA ASN B 123 -16.86 7.94 11.41
C ASN B 123 -17.79 7.07 12.26
N GLY B 124 -17.20 6.22 13.09
CA GLY B 124 -18.00 5.27 13.86
C GLY B 124 -17.27 3.96 14.03
N PRO B 125 -17.89 2.94 14.63
CA PRO B 125 -17.26 1.65 14.76
C PRO B 125 -16.75 1.18 13.39
N PHE B 126 -15.60 0.53 13.41
CA PHE B 126 -14.98 0.05 12.16
C PHE B 126 -15.97 -0.57 11.19
N GLY B 127 -15.98 -0.04 9.98
CA GLY B 127 -16.77 -0.60 8.92
C GLY B 127 -18.22 -0.18 8.90
N GLN B 128 -18.67 0.63 9.85
CA GLN B 128 -20.08 0.99 9.99
C GLN B 128 -20.30 2.41 9.51
N LEU B 129 -21.27 2.58 8.61
CA LEU B 129 -21.70 3.89 8.11
C LEU B 129 -23.13 4.07 8.61
N GLU B 130 -23.28 4.83 9.70
CA GLU B 130 -24.56 4.91 10.39
C GLU B 130 -25.09 3.51 10.66
N GLU B 131 -26.25 3.17 10.09
CA GLU B 131 -26.91 1.90 10.32
C GLU B 131 -26.47 0.79 9.38
N GLU B 132 -25.67 1.08 8.36
CA GLU B 132 -25.24 0.08 7.40
C GLU B 132 -23.87 -0.45 7.79
N SER B 133 -23.73 -1.77 7.81
CA SER B 133 -22.44 -2.41 8.05
C SER B 133 -21.85 -2.71 6.68
N ILE B 134 -20.85 -1.91 6.28
CA ILE B 134 -20.18 -2.14 5.01
C ILE B 134 -19.24 -3.33 5.13
N VAL B 135 -18.42 -3.36 6.19
CA VAL B 135 -17.63 -4.52 6.57
C VAL B 135 -17.80 -4.74 8.08
N ASN B 136 -17.44 -5.94 8.52
CA ASN B 136 -17.62 -6.32 9.93
C ASN B 136 -16.67 -5.53 10.82
N THR B 137 -17.17 -5.19 12.02
CA THR B 137 -16.33 -4.53 13.02
C THR B 137 -15.36 -5.52 13.65
N VAL B 138 -15.75 -6.78 13.77
CA VAL B 138 -14.88 -7.82 14.29
C VAL B 138 -14.00 -8.29 13.15
N THR B 139 -12.68 -8.25 13.35
CA THR B 139 -11.73 -8.71 12.35
C THR B 139 -11.18 -10.08 12.69
N GLY B 140 -10.52 -10.68 11.70
CA GLY B 140 -9.67 -11.83 11.95
C GLY B 140 -8.29 -11.58 11.37
N ASN B 141 -7.31 -12.34 11.85
CA ASN B 141 -5.97 -12.15 11.36
C ASN B 141 -5.15 -13.39 11.72
N SER B 142 -4.18 -13.71 10.87
CA SER B 142 -3.29 -14.79 11.22
C SER B 142 -2.17 -14.27 12.12
N SER B 143 -1.40 -15.20 12.67
CA SER B 143 -0.25 -14.94 13.52
C SER B 143 1.02 -15.33 12.78
N LYS B 144 2.15 -14.93 13.37
CA LYS B 144 3.44 -15.44 12.89
C LYS B 144 3.46 -16.96 12.89
N GLU B 145 2.95 -17.58 13.97
CA GLU B 145 2.96 -19.02 14.11
C GLU B 145 2.06 -19.69 13.08
N GLY B 146 0.85 -19.15 12.89
CA GLY B 146 -0.03 -19.70 11.87
C GLY B 146 0.54 -19.57 10.48
N ALA B 147 1.14 -18.41 10.17
CA ALA B 147 1.72 -18.18 8.85
C ALA B 147 2.90 -19.11 8.61
N TRP B 148 3.72 -19.34 9.66
CA TRP B 148 4.87 -20.24 9.53
C TRP B 148 4.45 -21.61 8.99
N VAL B 149 3.41 -22.20 9.57
CA VAL B 149 3.03 -23.54 9.13
C VAL B 149 2.17 -23.48 7.87
N ARG B 150 1.35 -22.44 7.70
CA ARG B 150 0.61 -22.26 6.45
C ARG B 150 1.56 -22.21 5.26
N ASP B 151 2.69 -21.52 5.42
CA ASP B 151 3.61 -21.29 4.33
C ASP B 151 4.63 -22.42 4.20
N ARG B 152 4.57 -23.40 5.10
CA ARG B 152 5.42 -24.58 5.06
C ARG B 152 6.90 -24.20 5.10
N LEU B 153 7.24 -23.22 5.94
CA LEU B 153 8.67 -23.04 6.26
C LEU B 153 9.20 -24.28 6.93
N GLY B 154 8.39 -24.87 7.81
CA GLY B 154 8.72 -26.09 8.50
C GLY B 154 7.44 -26.60 9.14
N PRO B 155 7.51 -27.76 9.81
CA PRO B 155 6.29 -28.35 10.38
C PRO B 155 5.81 -27.65 11.63
N ALA B 156 6.63 -26.84 12.28
CA ALA B 156 6.24 -26.11 13.47
C ALA B 156 7.02 -24.81 13.52
N PRO B 157 6.51 -23.78 14.19
CA PRO B 157 7.23 -22.51 14.26
C PRO B 157 8.64 -22.69 14.79
N GLY B 158 9.59 -22.01 14.15
CA GLY B 158 10.98 -22.08 14.51
C GLY B 158 11.76 -23.17 13.79
N GLN B 159 11.07 -24.14 13.19
CA GLN B 159 11.69 -25.27 12.50
C GLN B 159 11.65 -25.07 10.99
N PHE B 160 12.69 -25.54 10.32
CA PHE B 160 12.75 -25.50 8.86
C PHE B 160 12.85 -26.91 8.29
N PHE B 161 12.10 -27.15 7.21
CA PHE B 161 12.31 -28.37 6.43
C PHE B 161 13.74 -28.43 5.94
N GLU B 162 14.27 -29.63 5.73
CA GLU B 162 15.70 -29.83 5.37
C GLU B 162 16.23 -29.02 4.18
N ASN B 163 15.55 -29.04 3.05
CA ASN B 163 16.26 -28.30 1.97
C ASN B 163 15.55 -26.99 1.66
N SER B 164 15.19 -26.28 2.73
CA SER B 164 14.40 -25.04 2.58
C SER B 164 15.02 -24.00 1.67
N GLN B 165 14.18 -23.41 0.83
CA GLN B 165 14.61 -22.28 -0.02
C GLN B 165 14.13 -20.98 0.63
N PHE B 166 13.56 -21.04 1.85
CA PHE B 166 13.22 -19.80 2.51
C PHE B 166 14.48 -18.98 2.77
N PRO B 167 14.42 -17.65 2.62
CA PRO B 167 15.57 -16.79 2.98
C PRO B 167 15.76 -16.63 4.48
N ARG B 168 16.32 -17.67 5.08
CA ARG B 168 16.47 -17.75 6.52
C ARG B 168 17.29 -16.59 7.05
N GLY B 169 16.86 -16.06 8.21
CA GLY B 169 17.45 -14.87 8.80
C GLY B 169 16.63 -13.61 8.57
N TYR B 170 15.68 -13.66 7.64
CA TYR B 170 14.84 -12.53 7.27
C TYR B 170 13.38 -12.77 7.64
N GLU B 171 13.17 -13.55 8.71
CA GLU B 171 11.82 -13.83 9.20
C GLU B 171 11.08 -12.54 9.56
N ASP B 172 11.74 -11.59 10.20
CA ASP B 172 11.06 -10.35 10.59
C ASP B 172 10.54 -9.63 9.35
N ASN B 173 11.40 -9.48 8.33
CA ASN B 173 10.95 -8.80 7.11
C ASN B 173 9.77 -9.52 6.48
N TYR B 174 9.84 -10.85 6.45
CA TYR B 174 8.82 -11.67 5.82
C TYR B 174 7.48 -11.54 6.53
N PHE B 175 7.44 -11.77 7.84
CA PHE B 175 6.15 -11.74 8.50
C PHE B 175 5.56 -10.34 8.62
N LYS B 176 6.39 -9.29 8.54
CA LYS B 176 5.88 -7.92 8.58
C LYS B 176 5.04 -7.56 7.35
N GLU B 177 5.12 -8.35 6.27
CA GLU B 177 4.41 -8.00 5.06
C GLU B 177 2.95 -8.45 5.08
N MET B 178 2.52 -9.17 6.11
CA MET B 178 1.21 -9.79 6.19
C MET B 178 0.27 -9.03 7.11
N GLY B 179 -1.01 -9.02 6.76
CA GLY B 179 -1.97 -8.34 7.62
C GLY B 179 -3.40 -8.79 7.37
N PHE B 180 -4.32 -8.13 8.06
CA PHE B 180 -5.73 -8.52 8.02
C PHE B 180 -6.42 -8.06 6.73
N SER B 181 -7.56 -8.68 6.44
CA SER B 181 -8.45 -8.24 5.36
C SER B 181 -9.83 -7.99 5.92
N PRO B 182 -10.43 -6.82 5.68
CA PRO B 182 -11.84 -6.61 6.05
C PRO B 182 -12.76 -7.47 5.18
N SER B 183 -14.01 -7.58 5.62
CA SER B 183 -14.94 -8.54 5.02
C SER B 183 -15.60 -8.04 3.74
N ILE B 184 -14.80 -7.45 2.84
CA ILE B 184 -15.30 -7.08 1.52
C ILE B 184 -15.77 -8.31 0.75
N SER B 185 -16.91 -8.16 0.07
CA SER B 185 -17.43 -9.27 -0.72
C SER B 185 -16.46 -9.66 -1.83
N SER B 186 -16.27 -10.96 -2.02
CA SER B 186 -15.40 -11.41 -3.09
C SER B 186 -15.91 -10.96 -4.46
N ASP B 187 -17.23 -10.78 -4.60
CA ASP B 187 -17.79 -10.24 -5.83
C ASP B 187 -17.18 -8.90 -6.20
N GLU B 188 -16.97 -8.02 -5.19
CA GLU B 188 -16.45 -6.69 -5.46
C GLU B 188 -14.97 -6.71 -5.75
N ILE B 189 -14.23 -7.69 -5.20
CA ILE B 189 -12.82 -7.83 -5.55
C ILE B 189 -12.68 -8.31 -6.98
N VAL B 190 -13.45 -9.35 -7.34
CA VAL B 190 -13.48 -9.81 -8.73
C VAL B 190 -13.85 -8.68 -9.67
N ASP B 191 -14.84 -7.87 -9.28
CA ASP B 191 -15.30 -6.78 -10.15
C ASP B 191 -14.18 -5.81 -10.46
N ALA B 192 -13.37 -5.45 -9.46
CA ALA B 192 -12.31 -4.48 -9.69
C ALA B 192 -11.29 -5.02 -10.69
N VAL B 193 -10.95 -6.31 -10.58
CA VAL B 193 -9.95 -6.87 -11.48
C VAL B 193 -10.54 -7.07 -12.88
N VAL B 194 -11.82 -7.42 -12.97
CA VAL B 194 -12.46 -7.44 -14.29
C VAL B 194 -12.34 -6.08 -14.96
N LYS B 195 -12.57 -4.99 -14.20
CA LYS B 195 -12.43 -3.66 -14.76
C LYS B 195 -11.00 -3.39 -15.19
N LEU B 196 -10.01 -3.86 -14.41
CA LEU B 196 -8.62 -3.68 -14.81
C LEU B 196 -8.32 -4.40 -16.11
N VAL B 197 -8.80 -5.64 -16.23
CA VAL B 197 -8.53 -6.43 -17.43
C VAL B 197 -9.18 -5.78 -18.65
N THR B 198 -10.37 -5.22 -18.47
CA THR B 198 -10.96 -4.44 -19.56
C THR B 198 -10.06 -3.26 -19.93
N HIS B 199 -9.47 -2.61 -18.92
CA HIS B 199 -8.67 -1.41 -19.17
C HIS B 199 -7.37 -1.73 -19.91
N ILE B 200 -6.70 -2.84 -19.57
CA ILE B 200 -5.38 -3.07 -20.14
C ILE B 200 -5.40 -3.93 -21.40
N GLY B 201 -6.47 -4.65 -21.67
CA GLY B 201 -6.55 -5.48 -22.84
C GLY B 201 -6.07 -6.89 -22.55
N PRO B 202 -5.85 -7.68 -23.60
CA PRO B 202 -5.33 -9.05 -23.43
C PRO B 202 -4.15 -9.11 -22.47
N CYS B 203 -4.21 -10.04 -21.51
CA CYS B 203 -3.16 -10.13 -20.51
C CYS B 203 -3.14 -11.54 -19.92
N VAL B 204 -2.17 -11.76 -19.03
CA VAL B 204 -2.04 -13.02 -18.29
C VAL B 204 -2.15 -12.72 -16.81
N LEU B 205 -2.96 -13.49 -16.10
CA LEU B 205 -3.06 -13.34 -14.65
C LEU B 205 -2.08 -14.28 -13.98
N VAL B 206 -1.28 -13.76 -13.05
CA VAL B 206 -0.40 -14.58 -12.24
C VAL B 206 -0.85 -14.41 -10.80
N THR B 207 -1.45 -15.45 -10.23
CA THR B 207 -2.12 -15.37 -8.94
C THR B 207 -1.39 -16.19 -7.89
N HIS B 208 -1.90 -16.09 -6.66
CA HIS B 208 -1.22 -16.72 -5.53
C HIS B 208 -2.27 -17.03 -4.47
N ALA B 209 -2.34 -18.29 -4.04
CA ALA B 209 -3.08 -18.61 -2.83
C ALA B 209 -4.52 -18.10 -2.90
N ALA B 210 -4.88 -17.17 -2.02
CA ALA B 210 -6.26 -16.67 -1.98
C ALA B 210 -6.73 -16.07 -3.31
N SER B 211 -5.82 -15.51 -4.13
CA SER B 211 -6.33 -14.91 -5.36
C SER B 211 -6.47 -15.96 -6.48
N GLY B 212 -6.03 -17.19 -6.25
CA GLY B 212 -6.23 -18.28 -7.20
C GLY B 212 -7.68 -18.38 -7.68
N VAL B 213 -8.61 -18.63 -6.75
CA VAL B 213 -10.01 -18.79 -7.14
C VAL B 213 -10.57 -17.49 -7.71
N LEU B 214 -10.10 -16.33 -7.23
CA LEU B 214 -10.59 -15.05 -7.71
C LEU B 214 -10.15 -14.83 -9.16
N GLY B 215 -8.93 -15.24 -9.49
CA GLY B 215 -8.47 -15.10 -10.87
C GLY B 215 -9.22 -16.04 -11.81
N MET B 216 -9.53 -17.24 -11.35
CA MET B 216 -10.36 -18.13 -12.17
C MET B 216 -11.72 -17.49 -12.44
N ARG B 217 -12.31 -16.89 -11.41
CA ARG B 217 -13.59 -16.19 -11.59
C ARG B 217 -13.46 -15.04 -12.57
N VAL B 218 -12.40 -14.23 -12.42
CA VAL B 218 -12.19 -13.13 -13.37
C VAL B 218 -12.15 -13.65 -14.80
N ALA B 219 -11.44 -14.75 -15.04
CA ALA B 219 -11.30 -15.26 -16.41
C ALA B 219 -12.64 -15.66 -17.00
N THR B 220 -13.58 -16.16 -16.19
CA THR B 220 -14.89 -16.50 -16.73
C THR B 220 -15.73 -15.26 -17.04
N HIS B 221 -15.33 -14.08 -16.57
CA HIS B 221 -16.04 -12.85 -16.88
C HIS B 221 -15.33 -11.98 -17.92
N ALA B 222 -14.08 -12.28 -18.22
CA ALA B 222 -13.24 -11.40 -19.03
C ALA B 222 -12.46 -12.22 -20.04
N LYS B 223 -12.86 -12.13 -21.31
CA LYS B 223 -12.16 -12.80 -22.39
C LYS B 223 -10.73 -12.29 -22.58
N ASN B 224 -10.41 -11.09 -22.08
CA ASN B 224 -9.04 -10.59 -22.20
C ASN B 224 -8.04 -11.41 -21.39
N VAL B 225 -8.49 -12.19 -20.42
CA VAL B 225 -7.53 -13.06 -19.71
C VAL B 225 -7.16 -14.19 -20.65
N ARG B 226 -5.90 -14.22 -21.10
CA ARG B 226 -5.44 -15.19 -22.09
C ARG B 226 -4.68 -16.35 -21.48
N GLY B 227 -4.44 -16.32 -20.17
CA GLY B 227 -3.77 -17.42 -19.50
C GLY B 227 -3.73 -17.14 -18.02
N ILE B 228 -3.57 -18.20 -17.24
CA ILE B 228 -3.47 -18.10 -15.79
C ILE B 228 -2.32 -18.97 -15.30
N VAL B 229 -1.47 -18.42 -14.44
CA VAL B 229 -0.53 -19.21 -13.63
C VAL B 229 -0.88 -18.91 -12.19
N ALA B 230 -1.19 -19.94 -11.41
CA ALA B 230 -1.59 -19.78 -10.01
C ALA B 230 -0.60 -20.50 -9.11
N TYR B 231 0.08 -19.75 -8.24
CA TYR B 231 0.98 -20.34 -7.25
C TYR B 231 0.16 -20.78 -6.03
N GLU B 232 0.09 -22.09 -5.81
CA GLU B 232 -0.53 -22.68 -4.63
C GLU B 232 -1.90 -22.06 -4.31
N PRO B 233 -2.86 -22.17 -5.22
CA PRO B 233 -4.20 -21.62 -4.96
C PRO B 233 -4.82 -22.27 -3.73
N ALA B 234 -5.59 -21.48 -2.99
CA ALA B 234 -6.13 -21.91 -1.71
C ALA B 234 -7.52 -22.55 -1.79
N THR B 235 -8.36 -22.14 -2.73
CA THR B 235 -9.72 -22.69 -2.86
C THR B 235 -9.90 -23.26 -4.25
N SER B 236 -10.46 -24.47 -4.33
CA SER B 236 -10.73 -25.15 -5.60
C SER B 236 -12.05 -24.65 -6.19
N ILE B 237 -12.22 -24.88 -7.51
CA ILE B 237 -13.39 -24.41 -8.24
C ILE B 237 -13.92 -25.55 -9.12
N PHE B 238 -15.25 -25.68 -9.18
CA PHE B 238 -15.92 -26.77 -9.88
C PHE B 238 -17.21 -26.27 -10.49
N PRO B 239 -17.72 -26.96 -11.51
CA PRO B 239 -19.08 -26.67 -11.99
C PRO B 239 -20.10 -26.92 -10.90
N LYS B 240 -21.16 -26.12 -10.89
CA LYS B 240 -22.18 -26.20 -9.84
C LYS B 240 -22.79 -27.61 -9.82
N GLY B 241 -22.91 -28.17 -8.61
CA GLY B 241 -23.46 -29.50 -8.44
C GLY B 241 -22.55 -30.65 -8.82
N LYS B 242 -21.30 -30.38 -9.22
CA LYS B 242 -20.41 -31.44 -9.68
C LYS B 242 -19.12 -31.48 -8.88
N VAL B 243 -19.17 -31.07 -7.62
CA VAL B 243 -18.00 -31.17 -6.75
C VAL B 243 -17.75 -32.65 -6.46
N PRO B 244 -16.57 -33.17 -6.78
CA PRO B 244 -16.27 -34.57 -6.46
C PRO B 244 -16.16 -34.79 -4.96
N GLU B 245 -16.11 -36.07 -4.58
CA GLU B 245 -15.93 -36.41 -3.16
C GLU B 245 -14.52 -36.01 -2.74
N ILE B 246 -14.43 -35.28 -1.63
CA ILE B 246 -13.14 -34.82 -1.14
C ILE B 246 -13.03 -35.26 0.32
N PRO B 247 -11.98 -36.00 0.70
CA PRO B 247 -11.94 -36.56 2.05
C PRO B 247 -11.72 -35.46 3.08
N PRO B 248 -12.17 -35.67 4.31
CA PRO B 248 -11.78 -34.76 5.40
C PRO B 248 -10.30 -34.95 5.72
N LEU B 249 -9.80 -34.09 6.60
CA LEU B 249 -8.40 -34.13 6.99
C LEU B 249 -8.14 -35.32 7.92
N ALA B 250 -6.87 -35.53 8.24
CA ALA B 250 -6.48 -36.67 9.06
C ALA B 250 -7.01 -36.59 10.49
N ASP B 251 -7.29 -35.39 10.98
CA ASP B 251 -7.89 -35.28 12.33
C ASP B 251 -9.32 -35.82 12.30
N LYS B 252 -9.80 -36.28 11.13
CA LYS B 252 -11.16 -36.84 10.95
C LYS B 252 -12.27 -35.82 11.24
N LYS B 253 -11.96 -34.57 11.54
CA LYS B 253 -12.96 -33.55 11.92
C LYS B 253 -12.87 -32.33 11.00
N SER B 254 -11.68 -32.04 10.49
CA SER B 254 -11.52 -30.81 9.70
C SER B 254 -11.72 -31.07 8.21
N GLN B 255 -12.03 -30.00 7.48
CA GLN B 255 -12.17 -30.08 6.02
C GLN B 255 -11.40 -28.93 5.39
N ILE B 256 -11.12 -29.05 4.10
CA ILE B 256 -10.48 -27.94 3.36
C ILE B 256 -11.54 -26.87 3.09
N PHE B 257 -11.15 -25.83 2.36
CA PHE B 257 -12.11 -24.74 2.07
C PHE B 257 -13.21 -25.28 1.18
N PRO B 258 -14.48 -25.00 1.49
CA PRO B 258 -15.57 -25.41 0.61
C PRO B 258 -15.26 -24.96 -0.83
N PRO B 259 -15.22 -25.88 -1.79
CA PRO B 259 -14.99 -25.49 -3.16
C PRO B 259 -16.01 -24.49 -3.72
N PHE B 260 -15.52 -23.56 -4.55
CA PHE B 260 -16.40 -22.60 -5.18
C PHE B 260 -17.07 -23.24 -6.38
N GLU B 261 -18.37 -22.99 -6.52
CA GLU B 261 -19.15 -23.59 -7.61
C GLU B 261 -19.71 -22.47 -8.49
N ILE B 262 -19.49 -22.60 -9.81
CA ILE B 262 -20.02 -21.65 -10.78
C ILE B 262 -20.83 -22.43 -11.80
N GLN B 263 -21.75 -21.73 -12.46
CA GLN B 263 -22.56 -22.37 -13.49
C GLN B 263 -21.66 -22.89 -14.60
N GLU B 264 -22.08 -24.01 -15.21
CA GLU B 264 -21.21 -24.69 -16.15
C GLU B 264 -20.89 -23.84 -17.38
N SER B 265 -21.82 -22.97 -17.78
CA SER B 265 -21.53 -22.13 -18.95
C SER B 265 -20.36 -21.19 -18.67
N TYR B 266 -20.20 -20.75 -17.42
CA TYR B 266 -19.01 -19.96 -17.07
C TYR B 266 -17.79 -20.85 -16.87
N PHE B 267 -17.96 -22.00 -16.23
CA PHE B 267 -16.82 -22.90 -16.00
C PHE B 267 -16.17 -23.29 -17.32
N LYS B 268 -16.98 -23.49 -18.37
CA LYS B 268 -16.43 -23.91 -19.66
C LYS B 268 -15.50 -22.88 -20.27
N LYS B 269 -15.60 -21.60 -19.88
CA LYS B 269 -14.66 -20.61 -20.40
C LYS B 269 -13.24 -20.88 -19.92
N LEU B 270 -13.09 -21.57 -18.79
CA LEU B 270 -11.74 -21.91 -18.34
C LEU B 270 -11.07 -22.94 -19.24
N ALA B 271 -11.84 -23.63 -20.09
CA ALA B 271 -11.24 -24.59 -21.00
C ALA B 271 -10.64 -23.95 -22.24
N LYS B 272 -10.80 -22.63 -22.41
CA LYS B 272 -10.38 -21.95 -23.63
C LYS B 272 -9.00 -21.31 -23.52
N ILE B 273 -8.37 -21.32 -22.34
CA ILE B 273 -7.08 -20.67 -22.14
C ILE B 273 -6.12 -21.60 -21.43
N PRO B 274 -4.80 -21.43 -21.61
CA PRO B 274 -3.85 -22.25 -20.84
C PRO B 274 -3.86 -21.84 -19.37
N ILE B 275 -3.86 -22.85 -18.49
CA ILE B 275 -3.92 -22.66 -17.04
C ILE B 275 -2.89 -23.59 -16.40
N GLN B 276 -2.06 -23.04 -15.52
CA GLN B 276 -1.05 -23.83 -14.83
C GLN B 276 -1.15 -23.53 -13.35
N PHE B 277 -1.28 -24.56 -12.52
CA PHE B 277 -1.16 -24.43 -11.07
C PHE B 277 0.22 -24.90 -10.66
N VAL B 278 0.91 -24.12 -9.83
CA VAL B 278 2.28 -24.43 -9.42
C VAL B 278 2.31 -24.72 -7.93
N PHE B 279 2.90 -25.85 -7.52
CA PHE B 279 3.01 -26.18 -6.11
C PHE B 279 4.46 -26.36 -5.69
N GLY B 280 4.78 -25.90 -4.49
CA GLY B 280 6.11 -26.05 -3.91
C GLY B 280 6.32 -27.40 -3.28
N ASP B 281 7.24 -27.45 -2.31
CA ASP B 281 7.71 -28.72 -1.76
C ASP B 281 7.09 -28.98 -0.38
N ASN B 282 7.34 -30.17 0.14
CA ASN B 282 6.97 -30.56 1.49
C ASN B 282 5.46 -30.63 1.73
N ILE B 283 4.69 -30.90 0.68
CA ILE B 283 3.29 -31.30 0.83
C ILE B 283 3.27 -32.82 0.95
N PRO B 284 2.76 -33.37 2.05
CA PRO B 284 2.84 -34.83 2.24
C PRO B 284 1.97 -35.60 1.28
N LYS B 285 2.42 -36.82 0.96
CA LYS B 285 1.61 -37.74 0.17
C LYS B 285 0.54 -38.45 1.00
N ASN B 286 0.82 -38.71 2.28
CA ASN B 286 -0.05 -39.47 3.16
C ASN B 286 -0.57 -38.60 4.30
N PRO B 287 -1.67 -39.02 4.96
CA PRO B 287 -2.22 -38.20 6.04
C PRO B 287 -1.20 -37.90 7.12
N LYS B 288 -1.26 -36.69 7.66
CA LYS B 288 -0.41 -36.23 8.76
C LYS B 288 -1.29 -35.58 9.84
N SER B 289 -1.79 -36.39 10.77
CA SER B 289 -2.64 -35.83 11.83
C SER B 289 -1.89 -34.89 12.76
N ALA B 290 -0.56 -35.00 12.86
CA ALA B 290 0.20 -34.17 13.78
C ALA B 290 0.40 -32.75 13.27
N TYR B 291 0.23 -32.51 11.97
CA TYR B 291 0.57 -31.23 11.36
C TYR B 291 -0.59 -30.78 10.48
N TRP B 292 -1.51 -30.03 11.09
CA TRP B 292 -2.79 -29.70 10.46
C TRP B 292 -2.59 -29.06 9.08
N PHE B 293 -1.66 -28.12 8.96
CA PHE B 293 -1.56 -27.38 7.68
C PHE B 293 -0.90 -28.22 6.60
N LEU B 294 0.01 -29.11 6.97
CA LEU B 294 0.58 -30.01 5.98
C LEU B 294 -0.51 -30.92 5.41
N ASP B 295 -1.36 -31.46 6.28
CA ASP B 295 -2.46 -32.29 5.83
C ASP B 295 -3.47 -31.48 5.03
N TRP B 296 -3.74 -30.24 5.45
CA TRP B 296 -4.61 -29.35 4.69
C TRP B 296 -4.10 -29.16 3.27
N TRP B 297 -2.79 -28.94 3.12
CA TRP B 297 -2.23 -28.76 1.78
C TRP B 297 -2.32 -30.03 0.94
N ARG B 298 -2.10 -31.19 1.56
CA ARG B 298 -2.28 -32.45 0.82
C ARG B 298 -3.66 -32.55 0.20
N VAL B 299 -4.70 -32.31 1.00
CA VAL B 299 -6.04 -32.51 0.48
C VAL B 299 -6.43 -31.37 -0.45
N THR B 300 -5.93 -30.16 -0.20
CA THR B 300 -6.23 -29.04 -1.09
C THR B 300 -5.59 -29.25 -2.46
N ARG B 301 -4.33 -29.71 -2.50
CA ARG B 301 -3.70 -29.99 -3.77
C ARG B 301 -4.45 -31.09 -4.52
N TYR B 302 -4.92 -32.11 -3.79
CA TYR B 302 -5.72 -33.16 -4.41
C TYR B 302 -6.97 -32.58 -5.05
N ALA B 303 -7.70 -31.75 -4.29
CA ALA B 303 -8.90 -31.11 -4.83
C ALA B 303 -8.59 -30.33 -6.10
N HIS B 304 -7.47 -29.60 -6.12
CA HIS B 304 -7.09 -28.87 -7.33
C HIS B 304 -6.82 -29.81 -8.49
N SER B 305 -6.21 -30.97 -8.24
CA SER B 305 -5.96 -31.90 -9.33
C SER B 305 -7.27 -32.34 -9.98
N LEU B 306 -8.32 -32.50 -9.18
CA LEU B 306 -9.63 -32.86 -9.71
C LEU B 306 -10.27 -31.70 -10.47
N SER B 307 -10.06 -30.48 -9.97
CA SER B 307 -10.55 -29.29 -10.66
C SER B 307 -9.93 -29.18 -12.05
N LEU B 308 -8.60 -29.37 -12.13
CA LEU B 308 -7.93 -29.28 -13.42
C LEU B 308 -8.38 -30.37 -14.36
N GLU B 309 -8.64 -31.57 -13.81
CA GLU B 309 -9.15 -32.67 -14.60
C GLU B 309 -10.52 -32.34 -15.17
N ALA B 310 -11.38 -31.69 -14.38
CA ALA B 310 -12.70 -31.31 -14.87
C ALA B 310 -12.58 -30.29 -16.00
N ILE B 311 -11.60 -29.38 -15.91
CA ILE B 311 -11.38 -28.43 -16.98
C ILE B 311 -10.92 -29.15 -18.25
N ASN B 312 -10.02 -30.11 -18.10
CA ASN B 312 -9.47 -30.80 -19.27
C ASN B 312 -10.51 -31.70 -19.93
N LYS B 313 -11.43 -32.26 -19.14
CA LYS B 313 -12.48 -33.08 -19.73
C LYS B 313 -13.42 -32.26 -20.61
N LEU B 314 -13.48 -30.95 -20.40
CA LEU B 314 -14.27 -30.02 -21.21
C LEU B 314 -13.46 -29.43 -22.35
N GLY B 315 -12.31 -30.00 -22.67
CA GLY B 315 -11.49 -29.55 -23.76
C GLY B 315 -10.36 -28.62 -23.37
N GLY B 316 -10.07 -28.48 -22.08
CA GLY B 316 -9.15 -27.47 -21.61
C GLY B 316 -7.68 -27.79 -21.82
N GLN B 317 -6.85 -26.87 -21.31
CA GLN B 317 -5.39 -26.94 -21.36
C GLN B 317 -4.82 -26.60 -19.98
N ALA B 318 -5.22 -27.39 -18.98
CA ALA B 318 -4.87 -27.11 -17.59
C ALA B 318 -3.81 -28.12 -17.13
N SER B 319 -2.85 -27.65 -16.35
CA SER B 319 -1.81 -28.55 -15.88
C SER B 319 -1.40 -28.17 -14.48
N LEU B 320 -0.82 -29.16 -13.79
CA LEU B 320 -0.31 -28.99 -12.43
C LEU B 320 1.19 -29.20 -12.49
N LEU B 321 1.96 -28.21 -12.03
CA LEU B 321 3.41 -28.29 -11.99
C LEU B 321 3.85 -28.37 -10.53
N ASP B 322 4.40 -29.53 -10.14
CA ASP B 322 5.04 -29.68 -8.84
C ASP B 322 6.51 -29.30 -9.03
N LEU B 323 6.93 -28.22 -8.39
CA LEU B 323 8.31 -27.77 -8.56
C LEU B 323 9.35 -28.88 -8.32
N PRO B 324 9.18 -29.78 -7.35
CA PRO B 324 10.18 -30.86 -7.20
C PRO B 324 10.31 -31.74 -8.44
N THR B 325 9.23 -31.96 -9.19
CA THR B 325 9.32 -32.76 -10.41
C THR B 325 10.16 -32.04 -11.46
N ALA B 326 10.20 -30.72 -11.41
CA ALA B 326 11.02 -29.93 -12.32
C ALA B 326 12.44 -29.76 -11.84
N GLY B 327 12.83 -30.41 -10.73
CA GLY B 327 14.19 -30.35 -10.25
C GLY B 327 14.46 -29.29 -9.19
N LEU B 328 13.41 -28.66 -8.67
CA LEU B 328 13.54 -27.59 -7.68
C LEU B 328 13.03 -28.12 -6.35
N ARG B 329 13.92 -28.21 -5.36
CA ARG B 329 13.56 -28.75 -4.05
C ARG B 329 13.52 -27.63 -3.01
N GLY B 330 12.59 -27.76 -2.07
CA GLY B 330 12.59 -26.93 -0.88
C GLY B 330 11.76 -25.67 -0.94
N ASN B 331 10.97 -25.48 -1.99
CA ASN B 331 10.19 -24.27 -2.09
C ASN B 331 9.07 -24.23 -1.06
N THR B 332 8.79 -23.02 -0.58
CA THR B 332 7.70 -22.74 0.33
C THR B 332 6.44 -22.40 -0.44
N HIS B 333 5.43 -21.92 0.29
CA HIS B 333 4.18 -21.40 -0.29
C HIS B 333 4.40 -20.11 -1.07
N PHE B 334 5.58 -19.48 -0.98
CA PHE B 334 5.91 -18.28 -1.76
C PHE B 334 7.11 -18.59 -2.66
N PRO B 335 6.95 -19.42 -3.69
CA PRO B 335 8.14 -19.78 -4.49
C PRO B 335 8.80 -18.60 -5.19
N PHE B 336 8.02 -17.57 -5.51
CA PHE B 336 8.49 -16.37 -6.20
C PHE B 336 9.27 -15.41 -5.31
N THR B 337 9.37 -15.65 -4.00
CA THR B 337 10.33 -14.92 -3.16
C THR B 337 11.35 -15.82 -2.48
N ASP B 338 11.34 -17.12 -2.76
CA ASP B 338 12.33 -18.06 -2.22
C ASP B 338 13.72 -17.79 -2.82
N ARG B 339 14.73 -18.50 -2.28
CA ARG B 339 16.11 -18.26 -2.69
C ARG B 339 16.34 -18.63 -4.15
N ASN B 340 15.56 -19.58 -4.68
CA ASN B 340 15.66 -19.99 -6.07
C ASN B 340 14.59 -19.34 -6.95
N ASN B 341 14.11 -18.14 -6.58
CA ASN B 341 13.02 -17.56 -7.35
C ASN B 341 13.40 -17.25 -8.80
N VAL B 342 14.70 -17.13 -9.11
CA VAL B 342 15.07 -16.93 -10.50
C VAL B 342 14.77 -18.18 -11.31
N GLN B 343 14.98 -19.34 -10.72
CA GLN B 343 14.66 -20.62 -11.41
C GLN B 343 13.14 -20.77 -11.53
N VAL B 344 12.42 -20.35 -10.49
CA VAL B 344 10.95 -20.37 -10.57
C VAL B 344 10.47 -19.46 -11.68
N ALA B 345 11.06 -18.26 -11.79
CA ALA B 345 10.71 -17.34 -12.86
C ALA B 345 10.99 -17.95 -14.23
N SER B 346 12.08 -18.71 -14.34
CA SER B 346 12.41 -19.34 -15.61
C SER B 346 11.31 -20.29 -16.06
N LEU B 347 10.67 -20.97 -15.11
CA LEU B 347 9.59 -21.89 -15.45
C LEU B 347 8.34 -21.14 -15.87
N LEU B 348 8.12 -19.95 -15.31
CA LEU B 348 7.01 -19.11 -15.76
C LEU B 348 7.26 -18.60 -17.17
N SER B 349 8.49 -18.16 -17.46
CA SER B 349 8.86 -17.77 -18.81
C SER B 349 8.63 -18.92 -19.79
N ASP B 350 8.96 -20.15 -19.38
CA ASP B 350 8.73 -21.34 -20.21
C ASP B 350 7.25 -21.49 -20.56
N PHE B 351 6.37 -21.35 -19.57
CA PHE B 351 4.93 -21.44 -19.82
C PHE B 351 4.47 -20.37 -20.80
N LEU B 352 4.88 -19.12 -20.58
CA LEU B 352 4.49 -18.04 -21.48
C LEU B 352 4.98 -18.31 -22.90
N GLY B 353 6.21 -18.81 -23.02
CA GLY B 353 6.76 -19.05 -24.36
C GLY B 353 6.06 -20.19 -25.07
N LYS B 354 5.72 -21.25 -24.33
CA LYS B 354 5.06 -22.40 -24.93
C LYS B 354 3.75 -22.00 -25.61
N HIS B 355 3.05 -21.04 -25.03
CA HIS B 355 1.74 -20.66 -25.55
C HIS B 355 1.77 -19.36 -26.32
N GLY B 356 2.96 -18.84 -26.63
CA GLY B 356 3.08 -17.65 -27.45
C GLY B 356 2.65 -16.39 -26.75
N LEU B 357 2.54 -16.41 -25.43
CA LEU B 357 2.18 -15.23 -24.67
C LEU B 357 3.36 -14.29 -24.46
N ASP B 358 4.53 -14.61 -24.99
CA ASP B 358 5.71 -13.75 -24.97
C ASP B 358 6.04 -13.22 -26.36
N GLN B 359 5.11 -13.27 -27.30
CA GLN B 359 5.37 -12.76 -28.64
C GLN B 359 4.30 -11.76 -29.04
N ASN B 360 4.71 -10.81 -29.88
CA ASN B 360 3.82 -9.78 -30.42
C ASN B 360 3.15 -10.28 -31.70
#